data_8H2G
#
_entry.id   8H2G
#
_cell.length_a   1.00
_cell.length_b   1.00
_cell.length_c   1.00
_cell.angle_alpha   90.00
_cell.angle_beta   90.00
_cell.angle_gamma   90.00
#
_symmetry.space_group_name_H-M   'P 1'
#
loop_
_entity.id
_entity.type
_entity.pdbx_description
1 polymer 'Hydroxy-carboxylic acid receptor 2'
2 polymer 'Guanine nucleotide-binding protein G(i) subunit alpha-1'
3 polymer 'Guanine nucleotide-binding protein G(I)/G(S)/G(T) subunit beta-1'
4 polymer 'Guanine nucleotide-binding protein G(I)/G(S)/G(O) subunit gamma-2'
5 polymer scFv16
6 non-polymer 'NICOTINIC ACID'
#
loop_
_entity_poly.entity_id
_entity_poly.type
_entity_poly.pdbx_seq_one_letter_code
_entity_poly.pdbx_strand_id
1 'polypeptide(L)'
;GPGAPADLEDNWETLNDNLKVIEKADNAAQVKDALTKMRAAALDAQKATPPKLEDKSPDSPEMKDFRHGFDILVGQIDDA
LKLANEGKVKEAQAAAEQLKTTRNAYIQKYLEFMNRHHLQDHFLEIDKKNCCVFRDDFIVKVLPPVLGLEFIFGLLGNGL
ALWIFCFHLKSWKSSRIFLFNLAVADFLLIICLPFLMDNYVRRWDWKFGDIPCRLMLFMLAMNRQGSIIFLTVVAVDRYF
RVVHPHHALNKISNRTAAIISCLLWGITIGLTVHLLKKKMPIQNGGANLCSSFSICHTFQWHEAMFLLEFFLPLGIILFC
SARIIWSLRQRQMDRHAKIKRAITFIMVVAIVFVICFLPSVVVRIRIFWLLHTSGTQNCEVYRSVDLAFFITLSFTYMNS
MLDPVVYYFSSPSFPNFFSTLINRCLQRKMTGEPDNNRSTSVELTGDPNKTRGAPEALMANSGEPWSPSYLGPTSP
;
A
2 'polypeptide(L)'
;MGCTLSAEDKAAVERSKMIDRNLREDGEKAAREVKLLLLGAGESGKSTIVKQMKIIHEAGYSEEECKQYKAVVYSNTIQS
IIAIIRAMGRLKIDFGDSARADDARQLFVLAGAAEEGFMTAELAGVIKRLWKDSGVQACFNRSREYQLNDSAAYYLNDLD
RIAQPNYIPTQQDVLRTRVKTTGIVETHFTFKDLHFKMFDVGGQRSERKKWIHCFEGVTAIIFCVALSDYDLVLAEDEEM
NRMHESMKLFDSICNNKWFTDTSIILFLNKKDLFEEKIKKSPLTICYPEYAGSNTYEEAAAYIQCQFEDLNKRKDTKEIY
THFTCATDTKNVQFVFDAVTDVIIKNNLKDCGLF
;
B
3 'polypeptide(L)'
;GPGSSGSELDQLRQEAEQLKNQIRDARKACADATLSQITNNIDPVGRIQMRTRRTLRGHLAKIYAMHWGTDSRLLVSASQ
DGKLIIWDSYTTNKVHAIPLRSSWVMTCAYAPSGNYVACGGLDNICSIYNLKTREGNVRVSRELAGHTGYLSCCRFLDDN
QIVTSSGDTTCALWDIETGQQTTTFTGHTGDVMSLSLAPDTRLFVSGACDASAKLWDVREGMCRQTFTGHESDINAICFF
PNGNAFATGSDDATCRLFDLRADQELMTYSHDNIICGITSVSFSKSGRLLLAGYDDFNCNVWDALKADRAGVLAGHDNRV
SCLGVTDDGMAVATGSWDSFLKIWN
;
C
4 'polypeptide(L)' MASNNTASIAQARKLVEQLKMEANIDRIKVSKAAADLMAYCEAHAKEDPLLTPVPASENPFREKKFFCAILGSAGSAGSA D
5 'polypeptide(L)'
;DVQLVESGGGLVQPGGSRKLSCSASGFAFSSFGMHWVRQAPEKGLEWVAYISSGSGTIYYADTVKGRFTISRDDPKNTLF
LQMTSLRSEDTAMYYCVRSIYYYGSSPFDFWGQGTTLTVSSGGGGSGGGGSGGGGSDIVMTQATSSVPVTPGESVSISCR
SSKSLLHSNGNTYLYWFLQRPGQSPQLLIYRMSNLASGVPDRFSGSGSGTAFTLTISRLEAEDVGVYYCMQHLEYPLTFG
AGTKLELKAAALEVLFQ
;
E
#
loop_
_chem_comp.id
_chem_comp.type
_chem_comp.name
_chem_comp.formula
NIO non-polymer 'NICOTINIC ACID' 'C6 H5 N O2'
#
# COMPACT_ATOMS: atom_id res chain seq x y z
N HIS A 122 -8.55 55.28 -38.37
CA HIS A 122 -7.56 56.36 -38.47
C HIS A 122 -6.40 56.14 -37.51
N PHE A 123 -5.87 57.24 -36.96
CA PHE A 123 -4.76 57.19 -36.02
C PHE A 123 -5.30 57.54 -34.64
N LEU A 124 -5.27 56.56 -33.73
CA LEU A 124 -5.74 56.75 -32.37
C LEU A 124 -4.57 57.15 -31.48
N GLU A 125 -4.77 57.15 -30.16
CA GLU A 125 -3.73 57.56 -29.23
C GLU A 125 -3.87 56.81 -27.93
N ILE A 126 -2.74 56.28 -27.44
CA ILE A 126 -2.65 55.64 -26.14
C ILE A 126 -1.50 56.29 -25.39
N ASP A 127 -1.65 56.46 -24.08
CA ASP A 127 -0.65 57.14 -23.28
C ASP A 127 0.73 56.53 -23.48
N LYS A 128 1.69 57.38 -23.84
CA LYS A 128 3.08 57.01 -24.08
C LYS A 128 3.25 55.98 -25.19
N LYS A 129 2.19 55.67 -25.94
CA LYS A 129 2.22 54.68 -27.01
C LYS A 129 1.28 55.14 -28.12
N ASN A 130 1.84 55.68 -29.20
CA ASN A 130 1.02 56.09 -30.35
C ASN A 130 0.63 54.85 -31.14
N CYS A 131 -0.59 54.39 -30.94
CA CYS A 131 -1.10 53.16 -31.55
C CYS A 131 -2.12 53.49 -32.63
N CYS A 132 -2.44 52.48 -33.43
CA CYS A 132 -3.44 52.63 -34.49
C CYS A 132 -4.01 51.25 -34.80
N VAL A 133 -5.21 50.97 -34.31
CA VAL A 133 -5.92 49.71 -34.57
C VAL A 133 -7.32 50.06 -35.06
N PHE A 134 -7.73 49.44 -36.16
CA PHE A 134 -8.95 49.81 -36.85
C PHE A 134 -10.09 48.87 -36.45
N ARG A 135 -11.26 49.11 -37.05
CA ARG A 135 -12.46 48.30 -36.85
C ARG A 135 -13.01 47.85 -38.21
N ASP A 136 -12.12 47.33 -39.05
CA ASP A 136 -12.50 46.99 -40.42
C ASP A 136 -13.54 45.87 -40.44
N ASP A 137 -14.33 45.85 -41.49
CA ASP A 137 -15.41 44.86 -41.64
C ASP A 137 -14.81 43.52 -42.04
N PHE A 138 -15.67 42.57 -42.39
CA PHE A 138 -15.30 41.17 -42.64
C PHE A 138 -14.60 40.55 -41.43
N ILE A 139 -14.77 41.17 -40.26
CA ILE A 139 -14.33 40.58 -39.00
C ILE A 139 -15.51 40.10 -38.17
N VAL A 140 -16.74 40.48 -38.52
CA VAL A 140 -17.93 40.03 -37.83
C VAL A 140 -18.70 38.97 -38.62
N LYS A 141 -18.17 38.55 -39.76
CA LYS A 141 -18.84 37.53 -40.57
C LYS A 141 -18.09 36.20 -40.63
N VAL A 142 -16.77 36.21 -40.50
CA VAL A 142 -15.99 34.99 -40.47
C VAL A 142 -15.57 34.60 -39.06
N LEU A 143 -15.11 35.56 -38.28
CA LEU A 143 -14.65 35.25 -36.92
C LEU A 143 -15.74 34.75 -35.99
N PRO A 144 -16.94 35.34 -35.93
CA PRO A 144 -17.96 34.84 -35.00
C PRO A 144 -18.35 33.39 -35.28
N PRO A 145 -18.61 32.99 -36.52
CA PRO A 145 -18.92 31.56 -36.75
C PRO A 145 -17.76 30.64 -36.41
N VAL A 146 -16.52 31.07 -36.68
CA VAL A 146 -15.36 30.29 -36.32
C VAL A 146 -15.34 30.07 -34.81
N LEU A 147 -15.50 31.15 -34.05
CA LEU A 147 -15.46 31.06 -32.59
C LEU A 147 -16.64 30.25 -32.05
N GLY A 148 -17.79 30.31 -32.72
CA GLY A 148 -18.92 29.49 -32.31
C GLY A 148 -18.63 28.01 -32.45
N LEU A 149 -18.07 27.61 -33.60
CA LEU A 149 -17.68 26.22 -33.77
C LEU A 149 -16.63 25.82 -32.75
N GLU A 150 -15.65 26.69 -32.51
CA GLU A 150 -14.62 26.42 -31.52
C GLU A 150 -15.23 26.20 -30.15
N PHE A 151 -16.14 27.08 -29.73
CA PHE A 151 -16.71 26.98 -28.40
C PHE A 151 -17.54 25.70 -28.26
N ILE A 152 -18.37 25.41 -29.27
CA ILE A 152 -19.17 24.18 -29.23
C ILE A 152 -18.27 22.96 -29.06
N PHE A 153 -17.36 22.76 -30.01
CA PHE A 153 -16.57 21.53 -29.99
C PHE A 153 -15.65 21.48 -28.77
N GLY A 154 -15.03 22.60 -28.41
CA GLY A 154 -14.15 22.61 -27.26
C GLY A 154 -14.87 22.33 -25.96
N LEU A 155 -16.03 22.95 -25.75
CA LEU A 155 -16.80 22.68 -24.54
C LEU A 155 -17.23 21.23 -24.49
N LEU A 156 -17.73 20.69 -25.61
CA LEU A 156 -18.16 19.30 -25.62
C LEU A 156 -17.00 18.36 -25.31
N GLY A 157 -15.89 18.51 -26.03
CA GLY A 157 -14.76 17.63 -25.84
C GLY A 157 -14.16 17.74 -24.45
N ASN A 158 -14.05 18.96 -23.92
CA ASN A 158 -13.44 19.15 -22.61
C ASN A 158 -14.36 18.66 -21.50
N GLY A 159 -15.68 18.81 -21.66
CA GLY A 159 -16.59 18.24 -20.69
C GLY A 159 -16.53 16.72 -20.68
N LEU A 160 -16.58 16.11 -21.87
CA LEU A 160 -16.48 14.65 -21.94
C LEU A 160 -15.12 14.13 -21.50
N ALA A 161 -14.09 14.96 -21.55
CA ALA A 161 -12.78 14.56 -21.04
C ALA A 161 -12.72 14.67 -19.53
N LEU A 162 -13.19 15.79 -18.98
CA LEU A 162 -13.19 15.98 -17.54
C LEU A 162 -14.14 15.03 -16.83
N TRP A 163 -15.14 14.49 -17.53
CA TRP A 163 -16.03 13.52 -16.90
C TRP A 163 -15.27 12.30 -16.44
N ILE A 164 -14.34 11.79 -17.26
CA ILE A 164 -13.59 10.60 -16.88
C ILE A 164 -12.66 10.90 -15.71
N PHE A 165 -11.91 12.01 -15.79
CA PHE A 165 -10.96 12.33 -14.73
C PHE A 165 -11.66 12.53 -13.40
N CYS A 166 -12.82 13.20 -13.41
CA CYS A 166 -13.51 13.51 -12.15
C CYS A 166 -14.19 12.28 -11.56
N PHE A 167 -14.74 11.42 -12.42
CA PHE A 167 -15.62 10.35 -11.93
C PHE A 167 -15.07 8.96 -12.18
N HIS A 168 -14.77 8.59 -13.42
CA HIS A 168 -14.54 7.19 -13.76
C HIS A 168 -13.08 6.90 -14.13
N LEU A 169 -12.14 7.64 -13.58
CA LEU A 169 -10.72 7.32 -13.72
C LEU A 169 -10.22 6.78 -12.39
N LYS A 170 -9.93 5.49 -12.33
CA LYS A 170 -9.55 4.83 -11.09
C LYS A 170 -8.05 4.88 -10.82
N SER A 171 -7.26 5.46 -11.72
CA SER A 171 -5.83 5.63 -11.52
C SER A 171 -5.48 7.11 -11.71
N TRP A 172 -4.18 7.42 -11.65
CA TRP A 172 -3.74 8.80 -11.85
C TRP A 172 -2.32 8.87 -12.40
N LYS A 173 -1.35 9.11 -11.52
CA LYS A 173 0.06 9.27 -11.87
C LYS A 173 0.33 10.58 -12.58
N SER A 174 1.62 10.89 -12.77
CA SER A 174 2.03 12.24 -13.17
C SER A 174 1.50 12.63 -14.54
N SER A 175 1.55 11.71 -15.51
CA SER A 175 1.14 12.06 -16.86
C SER A 175 -0.34 12.40 -16.92
N ARG A 176 -1.18 11.63 -16.21
CA ARG A 176 -2.60 11.97 -16.16
C ARG A 176 -2.85 13.22 -15.35
N ILE A 177 -2.02 13.50 -14.34
CA ILE A 177 -2.11 14.79 -13.64
C ILE A 177 -1.91 15.93 -14.62
N PHE A 178 -0.86 15.85 -15.43
CA PHE A 178 -0.57 16.92 -16.38
C PHE A 178 -1.64 17.04 -17.45
N LEU A 179 -2.17 15.90 -17.92
CA LEU A 179 -3.26 15.96 -18.89
C LEU A 179 -4.52 16.58 -18.28
N PHE A 180 -4.79 16.29 -17.01
CA PHE A 180 -5.92 16.92 -16.33
C PHE A 180 -5.74 18.42 -16.24
N ASN A 181 -4.51 18.87 -15.93
CA ASN A 181 -4.25 20.30 -15.88
C ASN A 181 -4.44 20.94 -17.25
N LEU A 182 -3.98 20.27 -18.30
CA LEU A 182 -4.17 20.77 -19.66
C LEU A 182 -5.66 20.90 -19.98
N ALA A 183 -6.45 19.89 -19.61
CA ALA A 183 -7.89 19.94 -19.85
C ALA A 183 -8.54 21.06 -19.07
N VAL A 184 -8.10 21.29 -17.82
CA VAL A 184 -8.64 22.39 -17.03
C VAL A 184 -8.36 23.72 -17.71
N ALA A 185 -7.12 23.90 -18.19
CA ALA A 185 -6.76 25.14 -18.85
C ALA A 185 -7.60 25.37 -20.10
N ASP A 186 -7.70 24.34 -20.95
CA ASP A 186 -8.49 24.48 -22.17
C ASP A 186 -9.97 24.71 -21.86
N PHE A 187 -10.48 24.06 -20.81
CA PHE A 187 -11.88 24.22 -20.43
C PHE A 187 -12.16 25.65 -20.02
N LEU A 188 -11.33 26.21 -19.15
CA LEU A 188 -11.50 27.61 -18.77
C LEU A 188 -11.38 28.51 -19.99
N LEU A 189 -10.49 28.16 -20.93
CA LEU A 189 -10.32 28.98 -22.12
C LEU A 189 -11.59 29.01 -22.97
N ILE A 190 -12.21 27.85 -23.19
CA ILE A 190 -13.34 27.87 -24.12
C ILE A 190 -14.62 28.28 -23.41
N ILE A 191 -14.65 28.27 -22.07
CA ILE A 191 -15.75 28.97 -21.42
C ILE A 191 -15.51 30.47 -21.43
N CYS A 192 -14.25 30.90 -21.58
CA CYS A 192 -13.97 32.31 -21.77
C CYS A 192 -14.32 32.77 -23.19
N LEU A 193 -14.27 31.85 -24.16
CA LEU A 193 -14.55 32.19 -25.56
C LEU A 193 -15.83 32.99 -25.81
N PRO A 194 -17.02 32.58 -25.30
CA PRO A 194 -18.26 33.21 -25.81
C PRO A 194 -18.32 34.73 -25.64
N PHE A 195 -17.78 35.27 -24.54
CA PHE A 195 -17.76 36.71 -24.39
C PHE A 195 -16.89 37.38 -25.45
N LEU A 196 -15.73 36.77 -25.74
CA LEU A 196 -14.89 37.27 -26.82
C LEU A 196 -15.61 37.18 -28.16
N MET A 197 -16.39 36.10 -28.35
CA MET A 197 -17.18 35.97 -29.57
C MET A 197 -18.17 37.11 -29.71
N ASP A 198 -18.86 37.46 -28.63
CA ASP A 198 -19.78 38.59 -28.67
C ASP A 198 -19.05 39.89 -28.95
N ASN A 199 -17.87 40.07 -28.35
CA ASN A 199 -17.08 41.27 -28.59
C ASN A 199 -16.72 41.39 -30.06
N TYR A 200 -16.32 40.29 -30.69
CA TYR A 200 -16.08 40.31 -32.13
C TYR A 200 -17.36 40.62 -32.89
N VAL A 201 -18.48 40.04 -32.46
CA VAL A 201 -19.75 40.21 -33.18
C VAL A 201 -20.12 41.68 -33.24
N ARG A 202 -20.02 42.38 -32.12
CA ARG A 202 -20.46 43.76 -32.08
C ARG A 202 -19.39 44.74 -32.58
N ARG A 203 -18.36 44.24 -33.28
CA ARG A 203 -17.34 45.06 -33.93
C ARG A 203 -16.59 45.93 -32.90
N TRP A 204 -15.89 45.25 -32.00
CA TRP A 204 -15.07 45.91 -30.98
C TRP A 204 -15.90 46.92 -30.18
N ASP A 205 -17.01 46.44 -29.64
CA ASP A 205 -17.94 47.24 -28.85
C ASP A 205 -18.25 46.53 -27.54
N TRP A 206 -17.19 46.16 -26.83
CA TRP A 206 -17.30 45.38 -25.61
C TRP A 206 -17.96 46.21 -24.52
N LYS A 207 -19.29 46.10 -24.40
CA LYS A 207 -20.06 46.90 -23.46
C LYS A 207 -20.41 46.11 -22.20
N PHE A 208 -19.39 45.73 -21.44
CA PHE A 208 -19.60 45.03 -20.19
C PHE A 208 -19.07 45.77 -18.96
N GLY A 209 -17.97 46.47 -19.06
CA GLY A 209 -17.44 47.22 -17.94
C GLY A 209 -15.92 47.23 -17.96
N ASP A 210 -15.33 47.24 -16.76
CA ASP A 210 -13.88 47.30 -16.62
C ASP A 210 -13.33 45.99 -16.07
N ILE A 211 -13.93 45.50 -14.99
CA ILE A 211 -13.58 44.20 -14.42
C ILE A 211 -13.73 43.10 -15.46
N PRO A 212 -14.81 43.04 -16.27
CA PRO A 212 -14.92 41.97 -17.28
C PRO A 212 -13.79 41.98 -18.30
N CYS A 213 -13.31 43.16 -18.72
CA CYS A 213 -12.18 43.22 -19.62
C CYS A 213 -10.93 42.59 -19.01
N ARG A 214 -10.59 43.01 -17.79
CA ARG A 214 -9.41 42.48 -17.12
C ARG A 214 -9.55 40.98 -16.99
N LEU A 215 -10.72 40.52 -16.56
CA LEU A 215 -10.93 39.09 -16.35
C LEU A 215 -10.81 38.31 -17.66
N MET A 216 -11.40 38.81 -18.75
CA MET A 216 -11.37 38.04 -19.98
C MET A 216 -9.97 38.01 -20.59
N LEU A 217 -9.27 39.15 -20.60
CA LEU A 217 -7.91 39.15 -21.12
C LEU A 217 -7.01 38.27 -20.29
N PHE A 218 -7.12 38.36 -18.96
CA PHE A 218 -6.33 37.52 -18.08
C PHE A 218 -6.64 36.05 -18.32
N MET A 219 -7.91 35.70 -18.46
CA MET A 219 -8.31 34.31 -18.68
C MET A 219 -7.69 33.82 -19.98
N LEU A 220 -7.88 34.56 -21.07
CA LEU A 220 -7.35 34.13 -22.35
C LEU A 220 -5.84 33.94 -22.31
N ALA A 221 -5.11 34.96 -21.84
CA ALA A 221 -3.66 34.89 -21.86
C ALA A 221 -3.11 33.84 -20.90
N MET A 222 -3.63 33.78 -19.67
CA MET A 222 -3.17 32.78 -18.71
C MET A 222 -3.48 31.37 -19.20
N ASN A 223 -4.65 31.15 -19.80
CA ASN A 223 -5.00 29.82 -20.26
C ASN A 223 -4.18 29.42 -21.48
N ARG A 224 -3.88 30.36 -22.37
CA ARG A 224 -2.99 30.06 -23.48
C ARG A 224 -1.59 29.72 -22.99
N GLN A 225 -1.09 30.50 -22.03
CA GLN A 225 0.22 30.19 -21.45
C GLN A 225 0.20 28.82 -20.78
N GLY A 226 -0.88 28.50 -20.06
CA GLY A 226 -0.97 27.19 -19.42
C GLY A 226 -1.02 26.06 -20.43
N SER A 227 -1.81 26.23 -21.49
CA SER A 227 -1.87 25.21 -22.53
C SER A 227 -0.50 24.98 -23.14
N ILE A 228 0.22 26.06 -23.48
CA ILE A 228 1.54 25.91 -24.05
C ILE A 228 2.55 25.31 -23.08
N ILE A 229 2.56 25.76 -21.82
CA ILE A 229 3.50 25.23 -20.84
C ILE A 229 3.23 23.77 -20.56
N PHE A 230 1.97 23.38 -20.47
CA PHE A 230 1.65 21.97 -20.20
C PHE A 230 1.88 21.11 -21.42
N LEU A 231 1.70 21.65 -22.63
CA LEU A 231 2.13 20.93 -23.83
C LEU A 231 3.62 20.68 -23.80
N THR A 232 4.40 21.71 -23.44
CA THR A 232 5.84 21.54 -23.35
C THR A 232 6.22 20.54 -22.28
N VAL A 233 5.52 20.56 -21.14
CA VAL A 233 5.89 19.67 -20.05
C VAL A 233 5.49 18.23 -20.35
N VAL A 234 4.38 18.01 -21.06
CA VAL A 234 4.07 16.63 -21.46
C VAL A 234 5.03 16.17 -22.55
N ALA A 235 5.48 17.07 -23.42
CA ALA A 235 6.50 16.70 -24.39
C ALA A 235 7.80 16.31 -23.72
N VAL A 236 8.20 17.07 -22.69
CA VAL A 236 9.41 16.75 -21.95
C VAL A 236 9.24 15.45 -21.17
N ASP A 237 8.05 15.23 -20.62
CA ASP A 237 7.78 13.97 -19.94
C ASP A 237 7.91 12.80 -20.89
N ARG A 238 7.35 12.92 -22.09
CA ARG A 238 7.50 11.85 -23.09
C ARG A 238 8.95 11.66 -23.50
N TYR A 239 9.69 12.76 -23.63
CA TYR A 239 11.10 12.65 -23.98
C TYR A 239 11.88 11.90 -22.92
N PHE A 240 11.62 12.19 -21.65
CA PHE A 240 12.26 11.44 -20.57
C PHE A 240 11.81 9.99 -20.56
N ARG A 241 10.52 9.74 -20.81
CA ARG A 241 9.99 8.39 -20.77
C ARG A 241 10.48 7.53 -21.93
N VAL A 242 10.89 8.14 -23.03
CA VAL A 242 11.32 7.41 -24.22
C VAL A 242 12.83 7.32 -24.33
N VAL A 243 13.53 8.45 -24.24
CA VAL A 243 14.96 8.45 -24.48
C VAL A 243 15.75 8.05 -23.24
N HIS A 244 15.27 8.40 -22.05
CA HIS A 244 15.94 8.08 -20.79
C HIS A 244 14.97 7.34 -19.88
N PRO A 245 14.63 6.10 -20.22
CA PRO A 245 13.58 5.39 -19.46
C PRO A 245 13.92 5.19 -18.00
N HIS A 246 15.20 5.06 -17.66
CA HIS A 246 15.61 4.76 -16.29
C HIS A 246 15.91 6.01 -15.47
N HIS A 247 15.65 7.19 -16.01
CA HIS A 247 15.88 8.42 -15.25
C HIS A 247 14.92 8.49 -14.08
N ALA A 248 15.41 9.05 -12.97
CA ALA A 248 14.59 9.15 -11.77
C ALA A 248 13.37 10.04 -11.96
N LEU A 249 13.39 10.94 -12.94
CA LEU A 249 12.25 11.82 -13.16
C LEU A 249 11.04 11.06 -13.67
N ASN A 250 11.27 9.90 -14.31
CA ASN A 250 10.14 9.07 -14.74
C ASN A 250 9.34 8.57 -13.55
N LYS A 251 10.02 8.09 -12.52
CA LYS A 251 9.37 7.62 -11.29
C LYS A 251 9.24 8.81 -10.36
N ILE A 252 8.13 9.53 -10.50
CA ILE A 252 7.89 10.76 -9.75
C ILE A 252 6.55 10.63 -9.03
N SER A 253 6.55 10.98 -7.73
CA SER A 253 5.37 10.78 -6.91
C SER A 253 4.25 11.74 -7.30
N ASN A 254 3.01 11.34 -6.97
CA ASN A 254 1.85 12.15 -7.32
C ASN A 254 1.85 13.47 -6.57
N ARG A 255 2.27 13.47 -5.31
CA ARG A 255 2.38 14.72 -4.57
C ARG A 255 3.43 15.63 -5.21
N THR A 256 4.55 15.06 -5.64
CA THR A 256 5.58 15.85 -6.32
C THR A 256 5.03 16.41 -7.64
N ALA A 257 4.24 15.61 -8.35
CA ALA A 257 3.62 16.10 -9.58
C ALA A 257 2.66 17.25 -9.29
N ALA A 258 1.91 17.15 -8.19
CA ALA A 258 1.01 18.23 -7.83
C ALA A 258 1.77 19.50 -7.48
N ILE A 259 2.88 19.38 -6.76
CA ILE A 259 3.69 20.55 -6.43
C ILE A 259 4.28 21.15 -7.70
N ILE A 260 4.78 20.31 -8.60
CA ILE A 260 5.36 20.82 -9.85
C ILE A 260 4.30 21.52 -10.68
N SER A 261 3.10 20.97 -10.73
CA SER A 261 2.03 21.58 -11.52
C SER A 261 1.55 22.88 -10.91
N CYS A 262 1.47 22.96 -9.58
CA CYS A 262 1.15 24.22 -8.93
C CYS A 262 2.24 25.26 -9.17
N LEU A 263 3.50 24.83 -9.18
CA LEU A 263 4.59 25.73 -9.50
C LEU A 263 4.50 26.23 -10.95
N LEU A 264 4.13 25.33 -11.86
CA LEU A 264 3.97 25.74 -13.26
C LEU A 264 2.81 26.73 -13.41
N TRP A 265 1.72 26.50 -12.69
CA TRP A 265 0.63 27.48 -12.69
C TRP A 265 1.08 28.80 -12.09
N GLY A 266 1.95 28.75 -11.08
CA GLY A 266 2.50 29.98 -10.52
C GLY A 266 3.34 30.74 -11.52
N ILE A 267 4.16 30.03 -12.28
CA ILE A 267 4.93 30.66 -13.35
C ILE A 267 4.00 31.25 -14.40
N THR A 268 2.96 30.51 -14.76
CA THR A 268 2.01 30.96 -15.77
C THR A 268 1.32 32.25 -15.34
N ILE A 269 0.85 32.30 -14.09
CA ILE A 269 0.14 33.48 -13.62
C ILE A 269 1.09 34.65 -13.40
N GLY A 270 2.30 34.37 -12.90
CA GLY A 270 3.22 35.43 -12.53
C GLY A 270 3.60 36.36 -13.67
N LEU A 271 3.52 35.88 -14.91
CA LEU A 271 3.83 36.70 -16.07
C LEU A 271 2.61 37.40 -16.65
N THR A 272 1.42 37.18 -16.08
CA THR A 272 0.18 37.61 -16.72
C THR A 272 -0.68 38.51 -15.84
N VAL A 273 -0.36 38.65 -14.54
CA VAL A 273 -1.17 39.49 -13.67
C VAL A 273 -1.13 40.95 -14.10
N HIS A 274 -0.12 41.34 -14.90
CA HIS A 274 -0.04 42.72 -15.34
C HIS A 274 -1.21 43.12 -16.23
N LEU A 275 -1.95 42.14 -16.75
CA LEU A 275 -3.18 42.41 -17.48
C LEU A 275 -4.34 42.76 -16.56
N LEU A 276 -4.19 42.55 -15.26
CA LEU A 276 -5.23 42.92 -14.30
C LEU A 276 -5.06 44.34 -13.77
N LYS A 277 -3.82 44.85 -13.74
CA LYS A 277 -3.57 46.19 -13.23
C LYS A 277 -4.02 47.26 -14.21
N LYS A 278 -3.83 47.03 -15.51
CA LYS A 278 -4.17 48.04 -16.51
C LYS A 278 -5.68 48.21 -16.62
N LYS A 279 -6.10 49.38 -17.10
CA LYS A 279 -7.50 49.64 -17.42
C LYS A 279 -7.74 49.13 -18.83
N MET A 280 -8.09 47.85 -18.92
CA MET A 280 -8.27 47.20 -20.21
C MET A 280 -9.34 47.83 -21.11
N PRO A 281 -10.53 48.21 -20.62
CA PRO A 281 -11.56 48.72 -21.53
C PRO A 281 -11.24 50.11 -22.07
N ILE A 282 -10.42 50.16 -23.12
CA ILE A 282 -9.99 51.45 -23.65
C ILE A 282 -11.14 52.08 -24.43
N GLN A 283 -11.60 53.24 -23.98
CA GLN A 283 -12.67 53.95 -24.66
C GLN A 283 -12.08 54.88 -25.71
N ASN A 284 -12.54 54.74 -26.95
CA ASN A 284 -12.06 55.59 -28.04
C ASN A 284 -13.16 55.86 -29.06
N GLY A 285 -13.50 57.14 -29.23
CA GLY A 285 -14.42 57.56 -30.26
C GLY A 285 -15.86 57.22 -29.93
N GLY A 286 -16.22 55.95 -30.13
CA GLY A 286 -17.51 55.43 -29.71
C GLY A 286 -17.44 53.97 -29.32
N ALA A 287 -16.22 53.44 -29.23
CA ALA A 287 -15.99 52.02 -29.05
C ALA A 287 -15.23 51.76 -27.76
N ASN A 288 -15.38 50.54 -27.25
CA ASN A 288 -14.74 50.11 -26.00
C ASN A 288 -13.87 48.90 -26.32
N LEU A 289 -12.61 49.15 -26.66
CA LEU A 289 -11.69 48.06 -26.97
C LEU A 289 -11.39 47.22 -25.73
N CYS A 290 -11.39 45.91 -25.94
CA CYS A 290 -11.05 44.89 -24.95
C CYS A 290 -10.05 43.90 -25.55
N SER A 291 -9.01 44.42 -26.19
CA SER A 291 -8.00 43.59 -26.84
C SER A 291 -6.64 43.84 -26.17
N SER A 292 -6.03 42.76 -25.68
CA SER A 292 -4.69 42.87 -25.12
C SER A 292 -3.65 43.01 -26.23
N PHE A 293 -3.88 42.35 -27.36
CA PHE A 293 -2.95 42.39 -28.49
C PHE A 293 -3.25 43.62 -29.32
N SER A 294 -2.39 44.62 -29.22
CA SER A 294 -2.52 45.85 -29.99
C SER A 294 -1.17 46.22 -30.56
N ILE A 295 -1.18 46.98 -31.66
CA ILE A 295 0.05 47.43 -32.31
C ILE A 295 0.34 48.85 -31.89
N CYS A 296 1.55 49.06 -31.37
CA CYS A 296 1.98 50.38 -30.91
C CYS A 296 3.46 50.54 -31.18
N HIS A 297 3.89 51.78 -31.35
CA HIS A 297 5.30 52.08 -31.62
C HIS A 297 6.08 52.03 -30.31
N THR A 298 6.11 50.84 -29.71
CA THR A 298 6.80 50.60 -28.46
C THR A 298 6.96 49.10 -28.28
N PHE A 299 7.80 48.73 -27.33
CA PHE A 299 7.99 47.33 -26.94
C PHE A 299 7.50 47.14 -25.52
N GLN A 300 6.59 46.20 -25.34
CA GLN A 300 6.04 45.85 -24.03
C GLN A 300 6.28 44.37 -23.77
N TRP A 301 6.12 43.97 -22.51
CA TRP A 301 6.30 42.58 -22.14
C TRP A 301 5.28 41.67 -22.81
N HIS A 302 4.15 42.21 -23.25
CA HIS A 302 3.13 41.38 -23.89
C HIS A 302 3.64 40.77 -25.19
N GLU A 303 4.16 41.61 -26.08
CA GLU A 303 4.63 41.13 -27.38
C GLU A 303 5.82 40.21 -27.22
N ALA A 304 6.77 40.57 -26.35
CA ALA A 304 7.93 39.73 -26.11
C ALA A 304 7.51 38.39 -25.53
N MET A 305 6.58 38.40 -24.58
CA MET A 305 6.13 37.16 -23.99
C MET A 305 5.46 36.28 -25.03
N PHE A 306 4.71 36.88 -25.95
CA PHE A 306 4.16 36.12 -27.07
C PHE A 306 5.26 35.50 -27.92
N LEU A 307 6.31 36.27 -28.20
CA LEU A 307 7.40 35.78 -29.04
C LEU A 307 8.10 34.57 -28.41
N LEU A 308 8.51 34.69 -27.14
CA LEU A 308 9.09 33.52 -26.47
C LEU A 308 8.07 32.41 -26.30
N GLU A 309 6.81 32.75 -26.02
CA GLU A 309 5.73 31.78 -25.91
C GLU A 309 5.68 30.87 -27.12
N PHE A 310 5.89 31.43 -28.31
CA PHE A 310 5.99 30.56 -29.47
C PHE A 310 7.35 29.88 -29.52
N PHE A 311 8.42 30.66 -29.52
CA PHE A 311 9.75 30.15 -29.89
C PHE A 311 10.24 29.09 -28.91
N LEU A 312 10.41 29.45 -27.64
CA LEU A 312 11.08 28.54 -26.71
C LEU A 312 10.32 27.23 -26.54
N PRO A 313 9.01 27.21 -26.27
CA PRO A 313 8.30 25.93 -26.32
C PRO A 313 8.35 25.26 -27.67
N LEU A 314 8.37 26.01 -28.78
CA LEU A 314 8.52 25.36 -30.07
C LEU A 314 9.85 24.63 -30.17
N GLY A 315 10.93 25.29 -29.73
CA GLY A 315 12.22 24.62 -29.75
C GLY A 315 12.25 23.38 -28.88
N ILE A 316 11.70 23.48 -27.66
CA ILE A 316 11.71 22.34 -26.75
C ILE A 316 10.87 21.20 -27.33
N ILE A 317 9.69 21.51 -27.86
CA ILE A 317 8.81 20.49 -28.40
C ILE A 317 9.43 19.83 -29.62
N LEU A 318 10.02 20.63 -30.52
CA LEU A 318 10.66 20.07 -31.70
C LEU A 318 11.83 19.17 -31.33
N PHE A 319 12.67 19.63 -30.39
CA PHE A 319 13.80 18.83 -29.95
C PHE A 319 13.33 17.53 -29.32
N CYS A 320 12.32 17.61 -28.43
CA CYS A 320 11.82 16.41 -27.78
C CYS A 320 11.24 15.43 -28.77
N SER A 321 10.43 15.92 -29.71
CA SER A 321 9.83 15.04 -30.70
C SER A 321 10.87 14.40 -31.60
N ALA A 322 11.87 15.18 -32.03
CA ALA A 322 12.93 14.63 -32.86
C ALA A 322 13.72 13.57 -32.12
N ARG A 323 14.07 13.83 -30.85
CA ARG A 323 14.82 12.84 -30.07
C ARG A 323 14.00 11.59 -29.85
N ILE A 324 12.70 11.73 -29.56
CA ILE A 324 11.85 10.56 -29.37
C ILE A 324 11.81 9.73 -30.63
N ILE A 325 11.59 10.37 -31.78
CA ILE A 325 11.49 9.63 -33.03
C ILE A 325 12.80 8.93 -33.34
N TRP A 326 13.92 9.64 -33.19
CA TRP A 326 15.21 9.06 -33.52
C TRP A 326 15.55 7.88 -32.60
N SER A 327 15.29 8.02 -31.30
CA SER A 327 15.59 6.94 -30.37
C SER A 327 14.70 5.73 -30.62
N LEU A 328 13.41 5.97 -30.89
CA LEU A 328 12.52 4.85 -31.15
C LEU A 328 12.89 4.13 -32.45
N ARG A 329 13.23 4.89 -33.49
CA ARG A 329 13.57 4.26 -34.76
C ARG A 329 14.90 3.52 -34.69
N GLN A 330 15.90 4.11 -34.03
CA GLN A 330 17.19 3.44 -33.92
C GLN A 330 17.11 2.20 -33.05
N ARG A 331 16.22 2.20 -32.05
CA ARG A 331 16.01 1.01 -31.24
C ARG A 331 15.32 -0.10 -32.00
N GLN A 332 14.80 0.19 -33.19
CA GLN A 332 14.16 -0.80 -34.07
C GLN A 332 12.93 -1.44 -33.43
N MET A 333 12.35 -0.80 -32.43
CA MET A 333 11.11 -1.28 -31.82
C MET A 333 9.87 -0.67 -32.46
N ASP A 334 10.04 0.11 -33.52
CA ASP A 334 8.91 0.72 -34.21
C ASP A 334 8.08 -0.29 -34.99
N ARG A 335 8.57 -1.53 -35.16
CA ARG A 335 7.83 -2.52 -35.92
C ARG A 335 6.51 -2.92 -35.26
N HIS A 336 6.34 -2.60 -33.97
CA HIS A 336 5.09 -2.91 -33.29
C HIS A 336 3.94 -2.11 -33.89
N ALA A 337 2.75 -2.73 -33.94
CA ALA A 337 1.61 -2.09 -34.56
C ALA A 337 1.06 -0.93 -33.75
N LYS A 338 1.44 -0.79 -32.48
CA LYS A 338 0.96 0.28 -31.63
C LYS A 338 1.95 1.44 -31.53
N ILE A 339 3.24 1.14 -31.63
CA ILE A 339 4.29 2.15 -31.59
C ILE A 339 4.13 3.09 -32.78
N LYS A 340 3.68 2.54 -33.91
CA LYS A 340 3.46 3.37 -35.09
C LYS A 340 2.39 4.42 -34.83
N ARG A 341 1.31 4.04 -34.15
CA ARG A 341 0.27 5.01 -33.82
C ARG A 341 0.79 6.09 -32.87
N ALA A 342 1.60 5.70 -31.89
CA ALA A 342 2.17 6.69 -30.97
C ALA A 342 3.09 7.65 -31.72
N ILE A 343 3.90 7.12 -32.64
CA ILE A 343 4.80 7.98 -33.41
C ILE A 343 4.00 8.94 -34.28
N THR A 344 2.97 8.43 -34.95
CA THR A 344 2.18 9.31 -35.80
C THR A 344 1.43 10.35 -34.99
N PHE A 345 1.06 10.04 -33.75
CA PHE A 345 0.38 11.05 -32.95
C PHE A 345 1.34 12.05 -32.34
N ILE A 346 2.58 11.65 -32.04
CA ILE A 346 3.60 12.61 -31.65
C ILE A 346 3.85 13.60 -32.80
N MET A 347 4.00 13.05 -34.01
CA MET A 347 4.14 13.92 -35.18
C MET A 347 2.92 14.82 -35.34
N VAL A 348 1.72 14.26 -35.14
CA VAL A 348 0.49 15.03 -35.30
C VAL A 348 0.44 16.17 -34.30
N VAL A 349 0.83 15.92 -33.06
CA VAL A 349 0.79 16.98 -32.06
C VAL A 349 1.81 18.06 -32.40
N ALA A 350 2.96 17.68 -32.94
CA ALA A 350 3.92 18.69 -33.39
C ALA A 350 3.31 19.55 -34.50
N ILE A 351 2.69 18.92 -35.49
CA ILE A 351 2.15 19.69 -36.61
C ILE A 351 0.98 20.57 -36.18
N VAL A 352 0.13 20.10 -35.26
CA VAL A 352 -0.99 20.95 -34.86
C VAL A 352 -0.47 22.12 -34.05
N PHE A 353 0.51 21.89 -33.17
CA PHE A 353 1.13 23.00 -32.48
C PHE A 353 1.62 24.06 -33.47
N VAL A 354 2.36 23.60 -34.50
CA VAL A 354 2.87 24.54 -35.49
C VAL A 354 1.73 25.23 -36.22
N ILE A 355 0.69 24.48 -36.61
CA ILE A 355 -0.39 25.03 -37.41
C ILE A 355 -1.12 26.13 -36.64
N CYS A 356 -1.40 25.88 -35.36
CA CYS A 356 -2.12 26.90 -34.59
C CYS A 356 -1.24 28.06 -34.16
N PHE A 357 0.07 27.88 -34.00
CA PHE A 357 0.85 28.97 -33.43
C PHE A 357 1.68 29.74 -34.45
N LEU A 358 2.17 29.11 -35.51
CA LEU A 358 3.00 29.81 -36.48
C LEU A 358 2.31 31.00 -37.15
N PRO A 359 1.04 30.95 -37.58
CA PRO A 359 0.49 32.09 -38.34
C PRO A 359 0.48 33.40 -37.57
N SER A 360 -0.08 33.42 -36.35
CA SER A 360 -0.13 34.66 -35.61
C SER A 360 1.27 35.21 -35.32
N VAL A 361 2.21 34.31 -35.02
CA VAL A 361 3.56 34.75 -34.73
C VAL A 361 4.23 35.33 -35.97
N VAL A 362 4.01 34.73 -37.14
CA VAL A 362 4.65 35.30 -38.33
C VAL A 362 4.01 36.64 -38.68
N VAL A 363 2.71 36.81 -38.45
CA VAL A 363 2.14 38.14 -38.66
C VAL A 363 2.70 39.14 -37.67
N ARG A 364 2.93 38.73 -36.41
CA ARG A 364 3.54 39.63 -35.45
C ARG A 364 4.96 40.01 -35.86
N ILE A 365 5.73 39.04 -36.35
CA ILE A 365 7.08 39.33 -36.83
C ILE A 365 7.03 40.29 -38.01
N ARG A 366 6.09 40.08 -38.92
CA ARG A 366 5.97 40.97 -40.07
C ARG A 366 5.63 42.39 -39.64
N ILE A 367 4.68 42.53 -38.71
CA ILE A 367 4.29 43.86 -38.28
C ILE A 367 5.42 44.52 -37.50
N PHE A 368 6.20 43.74 -36.75
CA PHE A 368 7.41 44.28 -36.13
C PHE A 368 8.39 44.78 -37.19
N TRP A 369 8.54 44.01 -38.27
CA TRP A 369 9.47 44.37 -39.32
C TRP A 369 9.08 45.70 -39.96
N LEU A 370 7.83 45.83 -40.38
CA LEU A 370 7.40 47.09 -40.99
C LEU A 370 7.29 48.23 -39.99
N LEU A 371 7.10 47.94 -38.70
CA LEU A 371 7.14 49.00 -37.69
C LEU A 371 8.56 49.53 -37.53
N HIS A 372 9.55 48.64 -37.50
CA HIS A 372 10.94 49.06 -37.37
C HIS A 372 11.40 49.81 -38.61
N THR A 373 11.11 49.26 -39.80
CA THR A 373 11.60 49.87 -41.02
C THR A 373 10.88 51.16 -41.34
N SER A 374 9.55 51.16 -41.25
CA SER A 374 8.75 52.30 -41.68
C SER A 374 8.33 53.19 -40.51
N GLY A 375 7.65 52.63 -39.53
CA GLY A 375 7.13 53.40 -38.42
C GLY A 375 5.62 53.60 -38.53
N THR A 376 5.12 54.49 -37.67
CA THR A 376 3.69 54.79 -37.60
C THR A 376 3.34 56.13 -38.22
N GLN A 377 4.17 56.62 -39.15
CA GLN A 377 3.87 57.89 -39.81
C GLN A 377 2.57 57.80 -40.61
N ASN A 378 2.39 56.70 -41.34
CA ASN A 378 1.15 56.43 -42.05
C ASN A 378 0.54 55.16 -41.49
N CYS A 379 -0.71 55.23 -41.08
CA CYS A 379 -1.39 54.10 -40.45
C CYS A 379 -2.14 53.22 -41.44
N GLU A 380 -2.16 53.59 -42.72
CA GLU A 380 -2.93 52.83 -43.70
C GLU A 380 -2.15 51.65 -44.29
N VAL A 381 -0.90 51.44 -43.87
CA VAL A 381 -0.10 50.32 -44.37
C VAL A 381 -0.23 49.15 -43.42
N TYR A 382 -1.27 49.17 -42.58
CA TYR A 382 -1.45 48.15 -41.56
C TYR A 382 -2.70 47.29 -41.75
N ARG A 383 -3.71 47.79 -42.48
CA ARG A 383 -5.03 47.16 -42.52
C ARG A 383 -4.94 45.65 -42.66
N SER A 384 -4.37 45.19 -43.79
CA SER A 384 -4.27 43.75 -44.02
C SER A 384 -3.56 43.06 -42.88
N VAL A 385 -2.35 43.53 -42.53
CA VAL A 385 -1.56 42.87 -41.52
C VAL A 385 -2.23 42.88 -40.17
N ASP A 386 -3.26 43.71 -40.00
CA ASP A 386 -4.06 43.65 -38.78
C ASP A 386 -5.12 42.56 -38.91
N LEU A 387 -5.92 42.61 -39.97
CA LEU A 387 -7.13 41.80 -40.05
C LEU A 387 -6.80 40.32 -39.90
N ALA A 388 -6.06 39.78 -40.87
CA ALA A 388 -5.71 38.36 -40.83
C ALA A 388 -5.04 38.00 -39.51
N PHE A 389 -4.30 38.93 -38.91
CA PHE A 389 -3.68 38.70 -37.62
C PHE A 389 -4.68 38.10 -36.65
N PHE A 390 -5.78 38.80 -36.43
CA PHE A 390 -6.76 38.32 -35.46
C PHE A 390 -7.35 36.99 -35.90
N ILE A 391 -7.53 36.81 -37.21
CA ILE A 391 -7.97 35.51 -37.71
C ILE A 391 -6.94 34.44 -37.36
N THR A 392 -5.66 34.73 -37.60
CA THR A 392 -4.61 33.82 -37.16
C THR A 392 -4.64 33.66 -35.65
N LEU A 393 -5.05 34.71 -34.93
CA LEU A 393 -5.15 34.62 -33.48
C LEU A 393 -6.19 33.59 -33.05
N SER A 394 -7.16 33.26 -33.89
CA SER A 394 -8.10 32.21 -33.53
C SER A 394 -7.52 30.82 -33.70
N PHE A 395 -6.45 30.69 -34.50
CA PHE A 395 -5.91 29.36 -34.77
C PHE A 395 -5.48 28.67 -33.50
N THR A 396 -4.87 29.42 -32.57
CA THR A 396 -4.43 28.81 -31.32
C THR A 396 -5.61 28.27 -30.51
N TYR A 397 -6.78 28.90 -30.62
CA TYR A 397 -7.95 28.36 -29.93
C TYR A 397 -8.34 27.00 -30.48
N MET A 398 -8.02 26.74 -31.75
CA MET A 398 -8.20 25.41 -32.32
C MET A 398 -7.51 24.36 -31.47
N ASN A 399 -6.34 24.70 -30.92
CA ASN A 399 -5.64 23.76 -30.05
C ASN A 399 -6.54 23.29 -28.92
N SER A 400 -7.28 24.21 -28.31
CA SER A 400 -8.17 23.84 -27.22
C SER A 400 -9.20 22.82 -27.68
N MET A 401 -9.72 22.98 -28.90
CA MET A 401 -10.68 22.03 -29.42
C MET A 401 -10.04 20.88 -30.18
N LEU A 402 -8.71 20.89 -30.34
CA LEU A 402 -8.01 19.79 -30.99
C LEU A 402 -7.17 18.96 -30.04
N ASP A 403 -6.91 19.47 -28.84
CA ASP A 403 -6.19 18.69 -27.84
C ASP A 403 -6.93 17.41 -27.42
N PRO A 404 -8.25 17.41 -27.20
CA PRO A 404 -8.90 16.17 -26.72
C PRO A 404 -8.71 14.98 -27.64
N VAL A 405 -8.75 15.19 -28.96
CA VAL A 405 -8.68 14.06 -29.89
C VAL A 405 -7.30 13.44 -29.90
N VAL A 406 -6.25 14.23 -29.67
CA VAL A 406 -4.89 13.75 -29.82
C VAL A 406 -4.32 13.31 -28.47
N TYR A 407 -4.70 13.99 -27.40
CA TYR A 407 -4.07 13.74 -26.11
C TYR A 407 -4.80 12.69 -25.28
N TYR A 408 -6.11 12.84 -25.09
CA TYR A 408 -6.85 11.94 -24.23
C TYR A 408 -7.53 10.81 -24.99
N PHE A 409 -8.36 11.14 -25.98
CA PHE A 409 -9.16 10.12 -26.65
C PHE A 409 -8.32 9.13 -27.42
N SER A 410 -7.05 9.41 -27.65
CA SER A 410 -6.15 8.50 -28.33
C SER A 410 -5.43 7.63 -27.31
N SER A 411 -4.38 6.93 -27.76
CA SER A 411 -3.57 6.04 -26.93
C SER A 411 -4.44 5.03 -26.21
N PRO A 412 -4.99 4.03 -26.90
CA PRO A 412 -5.86 3.03 -26.29
C PRO A 412 -5.09 2.08 -25.36
N LEU B 5 -7.27 15.15 20.83
CA LEU B 5 -5.89 15.10 20.35
C LEU B 5 -4.93 15.58 21.43
N SER B 6 -4.70 14.74 22.44
CA SER B 6 -3.82 15.10 23.53
C SER B 6 -2.36 15.02 23.10
N ALA B 7 -1.46 15.28 24.06
CA ALA B 7 -0.04 15.20 23.76
C ALA B 7 0.39 13.80 23.36
N GLU B 8 -0.15 12.79 24.06
CA GLU B 8 0.17 11.41 23.73
C GLU B 8 -0.27 11.07 22.31
N ASP B 9 -1.50 11.46 21.95
CA ASP B 9 -2.00 11.15 20.62
C ASP B 9 -1.26 11.95 19.55
N LYS B 10 -0.87 13.19 19.86
CA LYS B 10 -0.08 13.96 18.90
C LYS B 10 1.27 13.32 18.65
N ALA B 11 1.92 12.84 19.72
CA ALA B 11 3.20 12.16 19.55
C ALA B 11 3.03 10.84 18.79
N ALA B 12 1.92 10.13 19.04
CA ALA B 12 1.65 8.91 18.29
C ALA B 12 1.46 9.21 16.81
N VAL B 13 0.77 10.31 16.48
CA VAL B 13 0.58 10.69 15.09
C VAL B 13 1.90 11.09 14.45
N GLU B 14 2.78 11.76 15.20
CA GLU B 14 4.10 12.08 14.67
C GLU B 14 4.91 10.81 14.41
N ARG B 15 4.81 9.83 15.30
CA ARG B 15 5.46 8.54 15.08
C ARG B 15 4.93 7.88 13.82
N SER B 16 3.61 7.92 13.62
CA SER B 16 3.03 7.36 12.41
C SER B 16 3.52 8.09 11.16
N LYS B 17 3.66 9.42 11.25
CA LYS B 17 4.17 10.18 10.12
C LYS B 17 5.60 9.81 9.78
N MET B 18 6.43 9.61 10.81
CA MET B 18 7.80 9.15 10.58
C MET B 18 7.82 7.76 9.96
N ILE B 19 6.91 6.89 10.41
CA ILE B 19 6.79 5.57 9.80
C ILE B 19 6.43 5.69 8.33
N ASP B 20 5.48 6.58 8.01
CA ASP B 20 5.11 6.81 6.61
C ASP B 20 6.29 7.32 5.79
N ARG B 21 7.07 8.23 6.35
CA ARG B 21 8.23 8.76 5.65
C ARG B 21 9.23 7.64 5.33
N ASN B 22 9.53 6.80 6.32
CA ASN B 22 10.47 5.71 6.08
C ASN B 22 9.91 4.70 5.09
N LEU B 23 8.61 4.42 5.17
CA LEU B 23 7.99 3.49 4.22
C LEU B 23 8.05 4.02 2.80
N ARG B 24 7.78 5.32 2.63
CA ARG B 24 7.86 5.93 1.30
C ARG B 24 9.29 5.89 0.77
N GLU B 25 10.27 6.17 1.62
CA GLU B 25 11.66 6.10 1.20
C GLU B 25 12.02 4.69 0.74
N ASP B 26 11.65 3.69 1.53
CA ASP B 26 11.97 2.31 1.17
C ASP B 26 11.25 1.88 -0.10
N GLY B 27 9.98 2.28 -0.26
CA GLY B 27 9.26 1.93 -1.48
C GLY B 27 9.84 2.58 -2.72
N GLU B 28 10.24 3.85 -2.61
CA GLU B 28 10.85 4.52 -3.75
C GLU B 28 12.22 3.95 -4.07
N LYS B 29 12.94 3.45 -3.05
CA LYS B 29 14.19 2.77 -3.31
C LYS B 29 13.96 1.41 -3.97
N ALA B 30 12.88 0.72 -3.61
CA ALA B 30 12.56 -0.56 -4.21
C ALA B 30 12.03 -0.44 -5.63
N ALA B 31 11.38 0.69 -5.96
CA ALA B 31 10.85 0.88 -7.30
C ALA B 31 11.93 1.05 -8.36
N ARG B 32 13.18 1.23 -7.94
CA ARG B 32 14.29 1.35 -8.87
C ARG B 32 14.89 -0.01 -9.24
N GLU B 33 14.27 -1.10 -8.80
CA GLU B 33 14.83 -2.43 -8.91
C GLU B 33 14.06 -3.24 -9.95
N VAL B 34 14.79 -3.95 -10.80
CA VAL B 34 14.18 -4.79 -11.82
C VAL B 34 13.97 -6.17 -11.23
N LYS B 35 12.72 -6.62 -11.18
CA LYS B 35 12.36 -7.91 -10.62
C LYS B 35 12.15 -8.90 -11.76
N LEU B 36 12.98 -9.94 -11.79
CA LEU B 36 12.92 -10.96 -12.84
C LEU B 36 12.58 -12.30 -12.22
N LEU B 37 11.81 -13.10 -12.96
CA LEU B 37 11.42 -14.43 -12.52
C LEU B 37 12.05 -15.45 -13.46
N LEU B 38 12.73 -16.44 -12.88
CA LEU B 38 13.45 -17.44 -13.65
C LEU B 38 12.72 -18.78 -13.52
N LEU B 39 12.31 -19.34 -14.65
CA LEU B 39 11.69 -20.66 -14.70
C LEU B 39 12.42 -21.54 -15.72
N GLY B 40 12.10 -22.82 -15.67
CA GLY B 40 12.73 -23.80 -16.54
C GLY B 40 12.49 -25.19 -16.02
N ALA B 41 12.94 -26.17 -16.82
CA ALA B 41 12.77 -27.56 -16.43
C ALA B 41 13.57 -27.90 -15.18
N GLY B 42 14.67 -27.18 -14.95
CA GLY B 42 15.48 -27.39 -13.77
C GLY B 42 16.87 -27.91 -14.09
N GLU B 43 16.95 -28.83 -15.05
CA GLU B 43 18.21 -29.40 -15.51
C GLU B 43 18.55 -28.88 -16.91
N SER B 44 18.20 -27.63 -17.18
CA SER B 44 18.36 -27.01 -18.50
C SER B 44 19.47 -25.96 -18.49
N GLY B 45 20.52 -26.20 -17.71
CA GLY B 45 21.61 -25.24 -17.62
C GLY B 45 21.24 -23.96 -16.89
N LYS B 46 20.25 -24.01 -16.00
CA LYS B 46 19.82 -22.82 -15.28
C LYS B 46 20.95 -22.27 -14.40
N SER B 47 21.68 -23.17 -13.72
CA SER B 47 22.75 -22.73 -12.82
C SER B 47 23.85 -22.01 -13.57
N THR B 48 24.12 -22.39 -14.82
CA THR B 48 25.16 -21.71 -15.59
C THR B 48 24.81 -20.25 -15.82
N ILE B 49 23.55 -19.97 -16.21
CA ILE B 49 23.13 -18.60 -16.43
C ILE B 49 23.06 -17.85 -15.10
N VAL B 50 22.63 -18.52 -14.04
CA VAL B 50 22.58 -17.87 -12.73
C VAL B 50 23.97 -17.43 -12.29
N LYS B 51 24.97 -18.31 -12.46
CA LYS B 51 26.33 -17.96 -12.06
C LYS B 51 26.96 -16.95 -13.01
N GLN B 52 26.58 -16.95 -14.29
CA GLN B 52 27.05 -15.92 -15.20
C GLN B 52 26.52 -14.55 -14.79
N MET B 53 25.25 -14.49 -14.39
CA MET B 53 24.69 -13.21 -13.94
C MET B 53 25.23 -12.82 -12.57
N LYS B 54 25.61 -13.79 -11.74
CA LYS B 54 26.11 -13.47 -10.40
C LYS B 54 27.40 -12.67 -10.46
N ILE B 55 28.29 -12.99 -11.40
CA ILE B 55 29.55 -12.28 -11.54
C ILE B 55 29.30 -10.84 -12.00
N THR B 182 15.34 -25.03 0.79
CA THR B 182 13.92 -24.65 0.73
C THR B 182 13.76 -23.18 0.39
N GLY B 183 12.52 -22.71 0.38
CA GLY B 183 12.25 -21.34 0.01
C GLY B 183 12.43 -21.15 -1.50
N ILE B 184 12.63 -19.90 -1.88
CA ILE B 184 12.94 -19.55 -3.26
C ILE B 184 14.25 -18.75 -3.26
N VAL B 185 15.20 -19.19 -4.09
CA VAL B 185 16.52 -18.57 -4.12
C VAL B 185 16.43 -17.17 -4.72
N GLU B 186 17.28 -16.27 -4.22
CA GLU B 186 17.32 -14.90 -4.67
C GLU B 186 18.72 -14.58 -5.20
N THR B 187 18.78 -13.91 -6.34
CA THR B 187 20.05 -13.46 -6.91
C THR B 187 19.93 -11.98 -7.22
N HIS B 188 20.93 -11.21 -6.80
CA HIS B 188 20.95 -9.77 -7.00
C HIS B 188 22.26 -9.36 -7.64
N PHE B 189 22.19 -8.46 -8.62
CA PHE B 189 23.38 -7.92 -9.26
C PHE B 189 23.00 -6.67 -10.02
N THR B 190 24.03 -5.85 -10.31
CA THR B 190 23.88 -4.61 -11.03
C THR B 190 24.77 -4.64 -12.28
N PHE B 191 24.26 -4.09 -13.38
CA PHE B 191 25.02 -4.07 -14.62
C PHE B 191 25.41 -2.66 -15.04
N LYS B 192 24.44 -1.75 -15.24
CA LYS B 192 24.72 -0.36 -15.56
C LYS B 192 23.76 0.49 -14.74
N ASP B 193 24.16 0.80 -13.49
CA ASP B 193 23.35 1.60 -12.58
C ASP B 193 21.94 1.04 -12.38
N LEU B 194 21.72 -0.21 -12.77
CA LEU B 194 20.41 -0.85 -12.69
C LEU B 194 20.55 -2.12 -11.87
N HIS B 195 19.71 -2.25 -10.86
CA HIS B 195 19.76 -3.38 -9.94
C HIS B 195 18.78 -4.46 -10.38
N PHE B 196 19.27 -5.68 -10.52
CA PHE B 196 18.48 -6.81 -10.98
C PHE B 196 18.22 -7.76 -9.82
N LYS B 197 16.97 -8.15 -9.64
CA LYS B 197 16.58 -9.16 -8.68
C LYS B 197 15.97 -10.33 -9.42
N MET B 198 16.51 -11.53 -9.21
CA MET B 198 16.17 -12.70 -10.00
C MET B 198 15.71 -13.82 -9.07
N PHE B 199 14.42 -14.14 -9.09
CA PHE B 199 13.84 -15.14 -8.20
C PHE B 199 13.88 -16.49 -8.87
N ASP B 200 14.65 -17.42 -8.30
CA ASP B 200 14.68 -18.80 -8.77
C ASP B 200 13.63 -19.59 -8.00
N VAL B 201 12.54 -19.93 -8.68
CA VAL B 201 11.37 -20.52 -8.04
C VAL B 201 11.29 -22.02 -8.25
N GLY B 202 12.27 -22.62 -8.90
CA GLY B 202 12.25 -24.05 -9.17
C GLY B 202 12.33 -24.93 -7.94
N GLY B 203 12.64 -24.36 -6.78
CA GLY B 203 12.74 -25.13 -5.56
C GLY B 203 11.42 -25.51 -4.92
N GLN B 204 10.30 -25.03 -5.47
CA GLN B 204 8.98 -25.33 -4.95
C GLN B 204 8.31 -26.37 -5.85
N ARG B 205 7.85 -27.46 -5.25
CA ARG B 205 7.18 -28.53 -6.00
C ARG B 205 5.68 -28.56 -5.73
N SER B 206 5.12 -27.46 -5.25
CA SER B 206 3.68 -27.36 -5.05
C SER B 206 3.01 -27.08 -6.40
N GLU B 207 1.70 -26.81 -6.37
CA GLU B 207 0.99 -26.51 -7.60
C GLU B 207 1.34 -25.09 -8.06
N ARG B 208 1.64 -24.95 -9.35
CA ARG B 208 2.10 -23.67 -9.88
C ARG B 208 1.02 -22.60 -9.74
N LYS B 209 -0.24 -22.95 -10.01
CA LYS B 209 -1.32 -21.97 -9.98
C LYS B 209 -1.57 -21.43 -8.58
N LYS B 210 -1.10 -22.11 -7.54
CA LYS B 210 -1.36 -21.67 -6.17
C LYS B 210 -0.50 -20.49 -5.76
N TRP B 211 0.60 -20.23 -6.46
CA TRP B 211 1.47 -19.11 -6.11
C TRP B 211 1.98 -18.32 -7.30
N ILE B 212 1.55 -18.64 -8.53
CA ILE B 212 2.04 -17.92 -9.70
C ILE B 212 1.51 -16.49 -9.73
N HIS B 213 0.41 -16.21 -9.03
CA HIS B 213 -0.10 -14.85 -8.97
C HIS B 213 0.69 -13.97 -8.02
N CYS B 214 1.59 -14.56 -7.22
CA CYS B 214 2.51 -13.74 -6.43
C CYS B 214 3.43 -12.93 -7.32
N PHE B 215 3.88 -13.52 -8.42
CA PHE B 215 4.79 -12.90 -9.37
C PHE B 215 4.06 -12.20 -10.52
N GLU B 216 2.81 -11.80 -10.32
CA GLU B 216 2.06 -11.18 -11.41
C GLU B 216 2.69 -9.86 -11.83
N GLY B 217 3.19 -9.08 -10.88
CA GLY B 217 3.91 -7.87 -11.23
C GLY B 217 5.40 -8.12 -11.30
N VAL B 218 5.89 -8.39 -12.50
CA VAL B 218 7.29 -8.74 -12.74
C VAL B 218 7.66 -8.21 -14.12
N THR B 219 8.87 -7.65 -14.23
CA THR B 219 9.27 -7.02 -15.49
C THR B 219 9.33 -8.03 -16.63
N ALA B 220 9.95 -9.18 -16.37
CA ALA B 220 10.14 -10.16 -17.43
C ALA B 220 10.35 -11.53 -16.80
N ILE B 221 10.24 -12.56 -17.63
CA ILE B 221 10.42 -13.95 -17.21
C ILE B 221 11.52 -14.55 -18.06
N ILE B 222 12.51 -15.15 -17.39
CA ILE B 222 13.61 -15.83 -18.08
C ILE B 222 13.28 -17.31 -18.15
N PHE B 223 13.38 -17.89 -19.34
CA PHE B 223 12.99 -19.29 -19.59
C PHE B 223 14.17 -20.00 -20.23
N CYS B 224 15.01 -20.64 -19.42
CA CYS B 224 16.15 -21.37 -19.93
C CYS B 224 15.70 -22.69 -20.53
N VAL B 225 16.12 -22.94 -21.76
CA VAL B 225 15.77 -24.16 -22.50
C VAL B 225 17.07 -24.83 -22.93
N ALA B 226 17.18 -26.12 -22.64
CA ALA B 226 18.32 -26.91 -23.06
C ALA B 226 18.05 -27.49 -24.44
N LEU B 227 18.98 -27.30 -25.37
CA LEU B 227 18.81 -27.68 -26.77
C LEU B 227 19.62 -28.91 -27.13
N SER B 228 19.83 -29.82 -26.18
CA SER B 228 20.59 -31.04 -26.47
C SER B 228 19.99 -32.26 -25.82
N ASP B 229 18.68 -32.26 -25.57
CA ASP B 229 18.01 -33.34 -24.87
C ASP B 229 16.81 -33.86 -25.67
N TYR B 230 17.00 -34.09 -26.96
CA TYR B 230 16.01 -34.82 -27.74
C TYR B 230 16.26 -36.32 -27.71
N ASP B 231 17.50 -36.75 -27.49
CA ASP B 231 17.83 -38.15 -27.32
C ASP B 231 17.62 -38.64 -25.90
N LEU B 232 17.25 -37.76 -24.97
CA LEU B 232 17.07 -38.09 -23.58
C LEU B 232 15.60 -37.93 -23.20
N VAL B 233 15.11 -38.83 -22.35
CA VAL B 233 13.74 -38.79 -21.85
C VAL B 233 13.78 -38.68 -20.34
N LEU B 234 12.71 -38.10 -19.79
CA LEU B 234 12.62 -37.91 -18.35
C LEU B 234 12.52 -39.26 -17.64
N ALA B 235 13.25 -39.38 -16.52
CA ALA B 235 13.38 -40.66 -15.85
C ALA B 235 12.05 -41.15 -15.29
N GLU B 236 11.24 -40.25 -14.72
CA GLU B 236 10.05 -40.68 -14.02
C GLU B 236 9.03 -41.34 -14.93
N ASP B 237 8.83 -40.79 -16.13
CA ASP B 237 7.81 -41.27 -17.05
C ASP B 237 8.38 -41.98 -18.28
N GLU B 238 9.46 -41.46 -18.86
CA GLU B 238 10.15 -42.03 -20.03
C GLU B 238 9.20 -42.25 -21.21
N GLU B 239 8.02 -41.65 -21.17
CA GLU B 239 7.07 -41.71 -22.28
C GLU B 239 6.94 -40.39 -23.03
N MET B 240 7.59 -39.33 -22.57
CA MET B 240 7.57 -38.03 -23.23
C MET B 240 9.00 -37.51 -23.36
N ASN B 241 9.25 -36.76 -24.43
CA ASN B 241 10.58 -36.22 -24.67
C ASN B 241 10.93 -35.16 -23.64
N ARG B 242 12.23 -34.88 -23.52
CA ARG B 242 12.69 -33.97 -22.49
C ARG B 242 12.24 -32.53 -22.77
N MET B 243 12.41 -32.05 -24.01
CA MET B 243 11.98 -30.69 -24.27
C MET B 243 10.49 -30.54 -24.47
N HIS B 244 9.74 -31.65 -24.63
CA HIS B 244 8.29 -31.50 -24.68
C HIS B 244 7.72 -31.03 -23.36
N GLU B 245 8.32 -31.46 -22.24
CA GLU B 245 7.89 -30.94 -20.95
C GLU B 245 8.13 -29.45 -20.84
N SER B 246 9.30 -28.99 -21.30
CA SER B 246 9.60 -27.57 -21.30
C SER B 246 8.66 -26.82 -22.24
N MET B 247 8.28 -27.45 -23.35
CA MET B 247 7.31 -26.85 -24.27
C MET B 247 5.96 -26.66 -23.59
N LYS B 248 5.51 -27.68 -22.85
CA LYS B 248 4.25 -27.55 -22.12
C LYS B 248 4.36 -26.46 -21.05
N LEU B 249 5.48 -26.39 -20.35
CA LEU B 249 5.67 -25.35 -19.34
C LEU B 249 5.63 -23.97 -19.97
N PHE B 250 6.29 -23.80 -21.11
CA PHE B 250 6.28 -22.51 -21.82
C PHE B 250 4.87 -22.16 -22.29
N ASP B 251 4.12 -23.15 -22.79
CA ASP B 251 2.76 -22.90 -23.23
C ASP B 251 1.89 -22.46 -22.06
N SER B 252 2.04 -23.11 -20.91
CA SER B 252 1.26 -22.73 -19.74
C SER B 252 1.63 -21.34 -19.25
N ILE B 253 2.93 -21.03 -19.20
CA ILE B 253 3.37 -19.75 -18.66
C ILE B 253 3.01 -18.59 -19.59
N CYS B 254 3.17 -18.79 -20.90
CA CYS B 254 3.07 -17.69 -21.85
C CYS B 254 1.67 -17.08 -21.87
N ASN B 255 0.64 -17.90 -21.87
CA ASN B 255 -0.74 -17.44 -21.96
C ASN B 255 -1.48 -17.61 -20.64
N ASN B 256 -0.80 -17.38 -19.52
CA ASN B 256 -1.45 -17.37 -18.22
C ASN B 256 -2.31 -16.13 -18.08
N LYS B 257 -3.29 -16.21 -17.17
CA LYS B 257 -4.16 -15.07 -16.93
C LYS B 257 -3.37 -13.90 -16.34
N TRP B 258 -2.44 -14.19 -15.43
CA TRP B 258 -1.66 -13.13 -14.78
C TRP B 258 -0.57 -12.59 -15.69
N PHE B 259 0.02 -13.43 -16.54
CA PHE B 259 1.17 -13.06 -17.35
C PHE B 259 0.76 -12.63 -18.75
N THR B 260 -0.39 -11.98 -18.90
CA THR B 260 -0.83 -11.49 -20.20
C THR B 260 -0.02 -10.31 -20.69
N ASP B 261 0.84 -9.73 -19.86
CA ASP B 261 1.62 -8.56 -20.22
C ASP B 261 3.13 -8.75 -20.12
N THR B 262 3.61 -9.59 -19.20
CA THR B 262 5.04 -9.69 -18.97
C THR B 262 5.72 -10.43 -20.13
N SER B 263 6.78 -9.82 -20.66
CA SER B 263 7.54 -10.44 -21.74
C SER B 263 8.38 -11.59 -21.20
N ILE B 264 8.80 -12.46 -22.11
CA ILE B 264 9.56 -13.66 -21.76
C ILE B 264 10.91 -13.60 -22.48
N ILE B 265 11.97 -13.80 -21.71
CA ILE B 265 13.33 -13.89 -22.25
C ILE B 265 13.70 -15.36 -22.32
N LEU B 266 14.02 -15.84 -23.51
CA LEU B 266 14.27 -17.26 -23.74
C LEU B 266 15.76 -17.50 -23.92
N PHE B 267 16.29 -18.50 -23.24
CA PHE B 267 17.71 -18.83 -23.25
C PHE B 267 17.87 -20.27 -23.71
N LEU B 268 18.44 -20.45 -24.90
CA LEU B 268 18.69 -21.78 -25.45
C LEU B 268 20.13 -22.15 -25.11
N ASN B 269 20.29 -22.93 -24.03
CA ASN B 269 21.59 -23.00 -23.36
C ASN B 269 22.60 -23.86 -24.10
N LYS B 270 22.32 -25.15 -24.28
CA LYS B 270 23.34 -26.11 -24.69
C LYS B 270 23.61 -25.98 -26.19
N LYS B 271 24.26 -24.87 -26.55
CA LYS B 271 24.59 -24.62 -27.95
C LYS B 271 25.68 -25.56 -28.45
N ASP B 272 26.78 -25.68 -27.69
CA ASP B 272 27.88 -26.53 -28.11
C ASP B 272 27.48 -28.00 -28.11
N LEU B 273 26.71 -28.43 -27.11
CA LEU B 273 26.26 -29.81 -27.06
C LEU B 273 25.33 -30.11 -28.23
N PHE B 274 24.45 -29.16 -28.59
CA PHE B 274 23.63 -29.32 -29.77
C PHE B 274 24.48 -29.45 -31.02
N GLU B 275 25.49 -28.60 -31.15
CA GLU B 275 26.35 -28.63 -32.34
C GLU B 275 27.06 -29.97 -32.47
N GLU B 276 27.58 -30.50 -31.35
CA GLU B 276 28.32 -31.75 -31.40
C GLU B 276 27.43 -32.99 -31.38
N LYS B 277 26.14 -32.84 -31.06
CA LYS B 277 25.25 -33.99 -30.98
C LYS B 277 24.32 -34.12 -32.18
N ILE B 278 24.08 -33.04 -32.93
CA ILE B 278 23.18 -33.13 -34.07
C ILE B 278 23.73 -34.04 -35.16
N LYS B 279 25.05 -34.28 -35.19
CA LYS B 279 25.61 -35.23 -36.14
C LYS B 279 25.14 -36.64 -35.84
N LYS B 280 25.07 -37.01 -34.56
CA LYS B 280 24.68 -38.37 -34.20
C LYS B 280 23.21 -38.62 -34.50
N SER B 281 22.34 -37.70 -34.12
CA SER B 281 20.91 -37.85 -34.33
C SER B 281 20.30 -36.58 -34.90
N PRO B 282 19.36 -36.70 -35.81
CA PRO B 282 18.69 -35.51 -36.35
C PRO B 282 17.56 -35.05 -35.42
N LEU B 283 16.96 -33.93 -35.80
CA LEU B 283 15.88 -33.34 -35.00
C LEU B 283 14.52 -33.94 -35.30
N THR B 284 14.43 -34.88 -36.25
CA THR B 284 13.15 -35.48 -36.58
C THR B 284 12.58 -36.33 -35.45
N ILE B 285 13.43 -36.84 -34.56
CA ILE B 285 12.94 -37.67 -33.46
C ILE B 285 12.09 -36.83 -32.50
N CYS B 286 12.56 -35.64 -32.14
CA CYS B 286 11.78 -34.78 -31.27
C CYS B 286 10.61 -34.15 -32.01
N TYR B 287 10.84 -33.70 -33.24
CA TYR B 287 9.79 -33.08 -34.06
C TYR B 287 9.61 -33.89 -35.33
N PRO B 288 8.63 -34.80 -35.38
CA PRO B 288 8.44 -35.62 -36.58
C PRO B 288 8.16 -34.81 -37.84
N GLU B 289 7.47 -33.68 -37.72
CA GLU B 289 7.12 -32.85 -38.88
C GLU B 289 8.26 -31.90 -39.18
N TYR B 290 9.38 -32.49 -39.61
CA TYR B 290 10.59 -31.75 -39.94
C TYR B 290 11.09 -32.17 -41.31
N ALA B 291 11.55 -31.20 -42.09
CA ALA B 291 12.09 -31.49 -43.41
C ALA B 291 13.31 -32.40 -43.33
N GLY B 292 14.18 -32.15 -42.36
CA GLY B 292 15.35 -33.01 -42.16
C GLY B 292 16.63 -32.43 -42.69
N SER B 293 16.87 -31.14 -42.45
CA SER B 293 18.12 -30.53 -42.87
C SER B 293 19.31 -31.11 -42.11
N ASN B 294 19.12 -31.43 -40.83
CA ASN B 294 20.16 -32.04 -39.99
C ASN B 294 21.41 -31.16 -39.91
N THR B 295 21.19 -29.85 -39.78
CA THR B 295 22.27 -28.89 -39.59
C THR B 295 21.93 -27.98 -38.43
N TYR B 296 22.97 -27.46 -37.77
CA TYR B 296 22.79 -26.73 -36.52
C TYR B 296 21.93 -25.48 -36.70
N GLU B 297 22.21 -24.70 -37.75
CA GLU B 297 21.52 -23.41 -37.90
C GLU B 297 20.03 -23.60 -38.14
N GLU B 298 19.67 -24.46 -39.10
CA GLU B 298 18.26 -24.65 -39.42
C GLU B 298 17.52 -25.32 -38.27
N ALA B 299 18.15 -26.28 -37.59
CA ALA B 299 17.51 -26.91 -36.44
C ALA B 299 17.27 -25.92 -35.31
N ALA B 300 18.26 -25.06 -35.04
CA ALA B 300 18.10 -24.05 -34.01
C ALA B 300 16.99 -23.07 -34.37
N ALA B 301 16.92 -22.67 -35.65
CA ALA B 301 15.83 -21.80 -36.09
C ALA B 301 14.49 -22.50 -35.93
N TYR B 302 14.42 -23.79 -36.24
CA TYR B 302 13.19 -24.54 -36.06
C TYR B 302 12.76 -24.54 -34.61
N ILE B 303 13.69 -24.81 -33.70
CA ILE B 303 13.36 -24.88 -32.28
C ILE B 303 12.91 -23.51 -31.76
N GLN B 304 13.63 -22.45 -32.14
CA GLN B 304 13.24 -21.11 -31.71
C GLN B 304 11.86 -20.74 -32.24
N CYS B 305 11.58 -21.07 -33.50
CA CYS B 305 10.26 -20.79 -34.07
C CYS B 305 9.18 -21.59 -33.37
N GLN B 306 9.46 -22.85 -33.04
CA GLN B 306 8.48 -23.67 -32.33
C GLN B 306 8.17 -23.08 -30.97
N PHE B 307 9.18 -22.64 -30.23
CA PHE B 307 8.93 -22.05 -28.93
C PHE B 307 8.21 -20.71 -29.05
N GLU B 308 8.51 -19.93 -30.09
CA GLU B 308 7.80 -18.66 -30.28
C GLU B 308 6.36 -18.88 -30.72
N ASP B 309 6.06 -20.00 -31.36
CA ASP B 309 4.72 -20.28 -31.85
C ASP B 309 3.71 -20.45 -30.70
N LEU B 310 4.19 -20.76 -29.50
CA LEU B 310 3.27 -20.93 -28.36
C LEU B 310 2.69 -19.62 -27.86
N ASN B 311 3.20 -18.49 -28.33
CA ASN B 311 2.65 -17.19 -27.93
C ASN B 311 1.28 -17.00 -28.56
N LYS B 312 0.25 -16.89 -27.73
CA LYS B 312 -1.11 -16.70 -28.19
C LYS B 312 -1.56 -15.25 -28.14
N ARG B 313 -1.16 -14.51 -27.11
CA ARG B 313 -1.46 -13.08 -27.01
C ARG B 313 -0.32 -12.29 -27.67
N LYS B 314 -0.24 -12.42 -29.00
CA LYS B 314 0.81 -11.78 -29.77
C LYS B 314 0.69 -10.26 -29.79
N ASP B 315 -0.44 -9.70 -29.35
CA ASP B 315 -0.66 -8.27 -29.37
C ASP B 315 -0.31 -7.58 -28.06
N THR B 316 0.15 -8.32 -27.06
CA THR B 316 0.41 -7.71 -25.75
C THR B 316 1.82 -7.97 -25.24
N LYS B 317 2.38 -9.16 -25.49
CA LYS B 317 3.70 -9.50 -24.98
C LYS B 317 4.58 -9.99 -26.11
N GLU B 318 5.89 -9.78 -25.96
CA GLU B 318 6.89 -10.25 -26.90
C GLU B 318 7.76 -11.31 -26.24
N ILE B 319 8.43 -12.10 -27.07
CA ILE B 319 9.36 -13.13 -26.62
C ILE B 319 10.73 -12.79 -27.16
N TYR B 320 11.70 -12.65 -26.27
CA TYR B 320 13.09 -12.36 -26.64
C TYR B 320 13.90 -13.64 -26.54
N THR B 321 14.65 -13.97 -27.59
CA THR B 321 15.36 -15.23 -27.68
C THR B 321 16.85 -14.95 -27.85
N HIS B 322 17.67 -15.63 -27.05
CA HIS B 322 19.11 -15.49 -27.10
C HIS B 322 19.74 -16.87 -26.92
N PHE B 323 20.76 -17.16 -27.72
CA PHE B 323 21.55 -18.38 -27.57
C PHE B 323 22.70 -18.09 -26.61
N THR B 324 22.74 -18.83 -25.50
CA THR B 324 23.70 -18.52 -24.44
C THR B 324 25.13 -18.67 -24.94
N CYS B 325 25.89 -17.58 -24.87
CA CYS B 325 27.24 -17.50 -25.41
C CYS B 325 28.27 -17.75 -24.34
N ALA B 326 29.51 -18.04 -24.78
CA ALA B 326 30.59 -18.31 -23.84
C ALA B 326 30.92 -17.08 -23.01
N THR B 327 30.97 -15.91 -23.63
CA THR B 327 31.27 -14.67 -22.90
C THR B 327 30.08 -14.29 -22.02
N ASP B 328 30.36 -14.04 -20.74
CA ASP B 328 29.30 -13.82 -19.77
C ASP B 328 28.72 -12.40 -19.83
N THR B 329 29.38 -11.47 -20.51
CA THR B 329 28.84 -10.11 -20.60
C THR B 329 27.71 -10.02 -21.61
N LYS B 330 27.74 -10.84 -22.67
CA LYS B 330 26.76 -10.70 -23.74
C LYS B 330 25.36 -11.09 -23.29
N ASN B 331 25.24 -12.16 -22.50
CA ASN B 331 23.94 -12.57 -22.00
C ASN B 331 23.33 -11.50 -21.11
N VAL B 332 24.14 -10.93 -20.22
CA VAL B 332 23.65 -9.88 -19.33
C VAL B 332 23.27 -8.64 -20.14
N GLN B 333 24.04 -8.33 -21.18
CA GLN B 333 23.69 -7.20 -22.03
C GLN B 333 22.36 -7.42 -22.73
N PHE B 334 22.13 -8.64 -23.22
CA PHE B 334 20.87 -8.93 -23.90
C PHE B 334 19.69 -8.85 -22.93
N VAL B 335 19.87 -9.37 -21.71
CA VAL B 335 18.82 -9.25 -20.70
C VAL B 335 18.56 -7.79 -20.36
N PHE B 336 19.62 -6.98 -20.28
CA PHE B 336 19.46 -5.56 -20.02
C PHE B 336 18.67 -4.88 -21.13
N ASP B 337 18.97 -5.22 -22.39
CA ASP B 337 18.24 -4.63 -23.51
C ASP B 337 16.78 -5.02 -23.50
N ALA B 338 16.48 -6.30 -23.24
CA ALA B 338 15.08 -6.72 -23.18
C ALA B 338 14.35 -6.02 -22.04
N VAL B 339 15.00 -5.89 -20.89
CA VAL B 339 14.39 -5.24 -19.73
C VAL B 339 14.12 -3.76 -20.03
N THR B 340 15.07 -3.09 -20.68
CA THR B 340 14.85 -1.68 -20.99
C THR B 340 13.77 -1.51 -22.05
N ASP B 341 13.63 -2.46 -22.97
CA ASP B 341 12.50 -2.42 -23.90
C ASP B 341 11.17 -2.55 -23.16
N VAL B 342 11.11 -3.49 -22.22
CA VAL B 342 9.89 -3.66 -21.42
C VAL B 342 9.57 -2.40 -20.65
N ILE B 343 10.60 -1.77 -20.06
CA ILE B 343 10.38 -0.56 -19.27
C ILE B 343 9.93 0.60 -20.16
N ILE B 344 10.52 0.72 -21.35
CA ILE B 344 10.11 1.77 -22.28
C ILE B 344 8.65 1.59 -22.67
N LYS B 345 8.25 0.35 -22.97
CA LYS B 345 6.86 0.11 -23.34
C LYS B 345 5.92 0.42 -22.17
N ASN B 346 6.32 0.05 -20.96
CA ASN B 346 5.49 0.36 -19.79
C ASN B 346 5.37 1.85 -19.58
N ASN B 347 6.47 2.60 -19.75
CA ASN B 347 6.42 4.06 -19.62
C ASN B 347 5.51 4.66 -20.67
N LEU B 348 5.59 4.17 -21.91
CA LEU B 348 4.71 4.66 -22.97
C LEU B 348 3.25 4.37 -22.66
N LYS B 349 2.97 3.18 -22.11
CA LYS B 349 1.60 2.86 -21.71
C LYS B 349 1.11 3.79 -20.60
N ASP B 350 1.97 4.06 -19.61
CA ASP B 350 1.58 4.96 -18.53
C ASP B 350 1.32 6.36 -19.05
N CYS B 351 2.18 6.88 -19.93
CA CYS B 351 1.97 8.20 -20.49
C CYS B 351 0.76 8.22 -21.43
N GLY B 352 0.39 7.07 -21.98
CA GLY B 352 -0.77 6.93 -22.84
C GLY B 352 -0.44 6.46 -24.25
N LEU B 353 0.74 6.83 -24.76
CA LEU B 353 1.06 6.60 -26.16
C LEU B 353 1.02 5.12 -26.53
N PHE B 354 1.15 4.23 -25.56
CA PHE B 354 1.09 2.80 -25.82
C PHE B 354 -0.23 2.22 -25.28
N SER C 7 -2.25 -58.60 -4.34
CA SER C 7 -2.99 -59.57 -3.55
C SER C 7 -3.55 -58.93 -2.28
N GLU C 8 -3.06 -57.74 -1.96
CA GLU C 8 -3.50 -57.00 -0.79
C GLU C 8 -3.97 -55.58 -1.09
N LEU C 9 -3.40 -54.92 -2.10
CA LEU C 9 -3.82 -53.57 -2.44
C LEU C 9 -5.27 -53.56 -2.92
N ASP C 10 -5.66 -54.54 -3.73
CA ASP C 10 -7.02 -54.59 -4.23
C ASP C 10 -8.02 -54.81 -3.09
N GLN C 11 -7.70 -55.70 -2.16
CA GLN C 11 -8.58 -55.94 -1.03
C GLN C 11 -8.74 -54.69 -0.17
N LEU C 12 -7.63 -53.99 0.10
CA LEU C 12 -7.70 -52.77 0.90
C LEU C 12 -8.49 -51.69 0.17
N ARG C 13 -8.32 -51.57 -1.15
CA ARG C 13 -9.07 -50.59 -1.92
C ARG C 13 -10.56 -50.91 -1.88
N GLN C 14 -10.93 -52.18 -2.01
CA GLN C 14 -12.33 -52.57 -1.95
C GLN C 14 -12.91 -52.28 -0.57
N GLU C 15 -12.14 -52.56 0.49
CA GLU C 15 -12.60 -52.27 1.85
C GLU C 15 -12.79 -50.76 2.04
N ALA C 16 -11.87 -49.96 1.51
CA ALA C 16 -12.01 -48.51 1.62
C ALA C 16 -13.23 -48.01 0.86
N GLU C 17 -13.48 -48.56 -0.32
CA GLU C 17 -14.68 -48.18 -1.08
C GLU C 17 -15.95 -48.56 -0.33
N GLN C 18 -15.97 -49.76 0.28
CA GLN C 18 -17.13 -50.18 1.05
C GLN C 18 -17.34 -49.26 2.26
N LEU C 19 -16.26 -48.88 2.93
CA LEU C 19 -16.38 -47.97 4.07
C LEU C 19 -16.88 -46.60 3.63
N LYS C 20 -16.41 -46.11 2.50
CA LYS C 20 -16.89 -44.84 1.98
C LYS C 20 -18.38 -44.91 1.64
N ASN C 21 -18.81 -46.02 1.03
CA ASN C 21 -20.24 -46.19 0.74
C ASN C 21 -21.05 -46.25 2.03
N GLN C 22 -20.51 -46.92 3.07
CA GLN C 22 -21.21 -47.01 4.34
C GLN C 22 -21.35 -45.64 5.00
N ILE C 23 -20.29 -44.83 4.98
CA ILE C 23 -20.38 -43.51 5.58
C ILE C 23 -21.31 -42.61 4.78
N ARG C 24 -21.34 -42.77 3.44
CA ARG C 24 -22.30 -42.00 2.64
C ARG C 24 -23.73 -42.41 2.96
N ASP C 25 -23.98 -43.71 3.14
CA ASP C 25 -25.31 -44.16 3.52
C ASP C 25 -25.71 -43.65 4.89
N ALA C 26 -24.78 -43.64 5.84
CA ALA C 26 -25.07 -43.10 7.16
C ALA C 26 -25.35 -41.61 7.11
N ARG C 27 -24.60 -40.88 6.26
CA ARG C 27 -24.86 -39.46 6.08
C ARG C 27 -26.25 -39.22 5.49
N LYS C 28 -26.64 -40.04 4.52
CA LYS C 28 -27.95 -39.91 3.91
C LYS C 28 -29.08 -40.34 4.82
N ALA C 29 -28.79 -41.20 5.81
CA ALA C 29 -29.83 -41.66 6.72
C ALA C 29 -30.33 -40.52 7.60
N CYS C 30 -29.43 -39.66 8.08
CA CYS C 30 -29.79 -38.57 8.97
C CYS C 30 -30.07 -37.27 8.21
N ALA C 31 -30.44 -37.36 6.94
CA ALA C 31 -30.78 -36.20 6.12
C ALA C 31 -32.27 -36.11 5.87
N ASP C 32 -33.09 -36.46 6.87
CA ASP C 32 -34.54 -36.44 6.70
C ASP C 32 -35.05 -35.05 6.38
N ALA C 33 -34.55 -34.03 7.09
CA ALA C 33 -34.90 -32.64 6.84
C ALA C 33 -33.67 -31.90 6.33
N THR C 34 -33.91 -30.74 5.73
CA THR C 34 -32.85 -29.89 5.21
C THR C 34 -32.95 -28.50 5.82
N LEU C 35 -31.80 -27.96 6.21
CA LEU C 35 -31.75 -26.64 6.85
C LEU C 35 -32.24 -25.54 5.90
N SER C 36 -32.13 -25.75 4.59
CA SER C 36 -32.52 -24.71 3.64
C SER C 36 -34.03 -24.44 3.69
N GLN C 37 -34.83 -25.48 3.91
CA GLN C 37 -36.28 -25.30 3.99
C GLN C 37 -36.78 -25.13 5.42
N ILE C 38 -36.00 -25.56 6.42
CA ILE C 38 -36.42 -25.40 7.81
C ILE C 38 -36.52 -23.92 8.18
N THR C 39 -35.69 -23.07 7.58
CA THR C 39 -35.60 -21.67 7.95
C THR C 39 -36.48 -20.77 7.09
N ASN C 40 -37.61 -21.29 6.61
CA ASN C 40 -38.59 -20.44 5.92
C ASN C 40 -39.50 -19.68 6.88
N ASN C 41 -39.54 -20.07 8.16
CA ASN C 41 -40.43 -19.41 9.11
C ASN C 41 -39.86 -18.06 9.55
N ILE C 42 -38.54 -17.97 9.72
CA ILE C 42 -37.93 -16.71 10.17
C ILE C 42 -38.01 -15.67 9.07
N ASP C 43 -38.08 -14.41 9.48
CA ASP C 43 -38.09 -13.31 8.53
C ASP C 43 -36.73 -13.19 7.86
N PRO C 44 -36.69 -12.74 6.60
CA PRO C 44 -35.41 -12.50 5.95
C PRO C 44 -34.65 -11.37 6.63
N VAL C 45 -33.32 -11.45 6.57
CA VAL C 45 -32.49 -10.40 7.16
C VAL C 45 -32.72 -9.07 6.47
N GLY C 46 -33.09 -9.10 5.19
CA GLY C 46 -33.31 -7.89 4.43
C GLY C 46 -32.02 -7.29 3.90
N ARG C 47 -32.18 -6.28 3.06
CA ARG C 47 -31.03 -5.58 2.52
C ARG C 47 -30.22 -4.94 3.64
N ILE C 48 -28.90 -5.15 3.59
CA ILE C 48 -27.99 -4.65 4.61
C ILE C 48 -26.97 -3.74 3.95
N GLN C 49 -26.83 -2.54 4.48
CA GLN C 49 -25.90 -1.54 3.94
C GLN C 49 -24.74 -1.37 4.89
N MET C 50 -23.52 -1.59 4.40
CA MET C 50 -22.30 -1.38 5.16
C MET C 50 -21.46 -0.33 4.44
N ARG C 51 -21.03 0.69 5.18
CA ARG C 51 -20.27 1.80 4.61
C ARG C 51 -18.87 1.80 5.21
N THR C 52 -17.87 1.94 4.34
CA THR C 52 -16.48 1.85 4.74
C THR C 52 -16.13 3.03 5.65
N ARG C 53 -16.01 2.75 6.95
CA ARG C 53 -15.76 3.82 7.92
C ARG C 53 -14.32 4.33 7.81
N ARG C 54 -13.35 3.43 7.71
CA ARG C 54 -11.94 3.81 7.65
C ARG C 54 -11.31 3.27 6.39
N THR C 55 -10.10 3.75 6.12
CA THR C 55 -9.29 3.26 5.01
C THR C 55 -7.83 3.38 5.42
N LEU C 56 -7.19 2.24 5.65
CA LEU C 56 -5.80 2.20 6.10
C LEU C 56 -4.90 2.17 4.86
N ARG C 57 -4.14 3.23 4.66
CA ARG C 57 -3.32 3.40 3.48
C ARG C 57 -1.85 3.54 3.88
N GLY C 58 -0.96 3.02 3.05
CA GLY C 58 0.45 3.04 3.35
C GLY C 58 1.19 1.82 2.82
N HIS C 59 0.46 0.78 2.48
CA HIS C 59 1.03 -0.34 1.75
C HIS C 59 1.14 0.01 0.27
N LEU C 60 2.24 -0.40 -0.36
CA LEU C 60 2.50 -0.07 -1.77
C LEU C 60 2.65 -1.32 -2.63
N ALA C 61 2.10 -2.45 -2.20
CA ALA C 61 2.16 -3.68 -2.97
C ALA C 61 0.91 -4.49 -2.65
N LYS C 62 0.85 -5.71 -3.20
CA LYS C 62 -0.30 -6.57 -2.95
C LYS C 62 -0.38 -6.93 -1.47
N ILE C 63 -1.60 -6.93 -0.94
CA ILE C 63 -1.86 -7.31 0.44
C ILE C 63 -2.48 -8.69 0.44
N TYR C 64 -1.84 -9.63 1.14
CA TYR C 64 -2.24 -11.02 1.11
C TYR C 64 -2.78 -11.53 2.43
N ALA C 65 -2.54 -10.82 3.54
CA ALA C 65 -2.97 -11.31 4.84
C ALA C 65 -3.29 -10.14 5.76
N MET C 66 -4.17 -10.41 6.72
CA MET C 66 -4.48 -9.47 7.79
C MET C 66 -5.16 -10.24 8.90
N HIS C 67 -4.90 -9.82 10.14
CA HIS C 67 -5.53 -10.45 11.30
C HIS C 67 -5.91 -9.38 12.30
N TRP C 68 -7.00 -9.65 13.02
CA TRP C 68 -7.55 -8.71 14.00
C TRP C 68 -7.06 -9.08 15.39
N GLY C 69 -6.54 -8.09 16.11
CA GLY C 69 -6.19 -8.31 17.50
C GLY C 69 -7.41 -8.48 18.38
N THR C 70 -7.19 -9.16 19.51
CA THR C 70 -8.30 -9.45 20.42
C THR C 70 -8.91 -8.18 21.01
N ASP C 71 -8.14 -7.09 21.07
CA ASP C 71 -8.70 -5.80 21.46
C ASP C 71 -9.64 -5.23 20.42
N SER C 72 -9.70 -5.83 19.23
CA SER C 72 -10.54 -5.39 18.12
C SER C 72 -10.29 -3.92 17.77
N ARG C 73 -9.09 -3.45 18.03
CA ARG C 73 -8.65 -2.12 17.64
C ARG C 73 -7.34 -2.12 16.88
N LEU C 74 -6.43 -3.03 17.22
CA LEU C 74 -5.17 -3.19 16.51
C LEU C 74 -5.27 -4.36 15.54
N LEU C 75 -4.60 -4.23 14.40
CA LEU C 75 -4.60 -5.28 13.40
C LEU C 75 -3.27 -5.27 12.67
N VAL C 76 -2.78 -6.45 12.34
CA VAL C 76 -1.55 -6.60 11.57
C VAL C 76 -1.92 -6.92 10.13
N SER C 77 -1.09 -6.48 9.20
CA SER C 77 -1.34 -6.68 7.78
C SER C 77 -0.05 -7.03 7.09
N ALA C 78 -0.09 -8.05 6.23
CA ALA C 78 1.07 -8.46 5.45
C ALA C 78 0.94 -7.95 4.03
N SER C 79 2.08 -7.77 3.37
CA SER C 79 2.09 -7.28 2.00
C SER C 79 3.38 -7.71 1.33
N GLN C 80 3.38 -7.66 0.00
CA GLN C 80 4.47 -8.21 -0.80
C GLN C 80 5.65 -7.28 -0.95
N ASP C 81 5.61 -6.07 -0.38
CA ASP C 81 6.77 -5.20 -0.40
C ASP C 81 7.77 -5.52 0.70
N GLY C 82 7.48 -6.51 1.55
CA GLY C 82 8.40 -6.89 2.60
C GLY C 82 8.16 -6.20 3.92
N LYS C 83 7.01 -5.56 4.11
CA LYS C 83 6.71 -4.82 5.32
C LYS C 83 5.53 -5.44 6.04
N LEU C 84 5.60 -5.46 7.37
CA LEU C 84 4.51 -5.87 8.23
C LEU C 84 4.12 -4.66 9.08
N ILE C 85 2.86 -4.26 8.99
CA ILE C 85 2.37 -3.02 9.60
C ILE C 85 1.29 -3.36 10.61
N ILE C 86 1.40 -2.81 11.80
CA ILE C 86 0.36 -2.89 12.83
C ILE C 86 -0.42 -1.58 12.80
N TRP C 87 -1.72 -1.68 12.58
CA TRP C 87 -2.59 -0.52 12.44
C TRP C 87 -3.40 -0.31 13.69
N ASP C 88 -3.70 0.96 13.98
CA ASP C 88 -4.74 1.33 14.93
C ASP C 88 -5.98 1.68 14.11
N SER C 89 -6.98 0.80 14.15
CA SER C 89 -8.13 0.96 13.27
C SER C 89 -8.90 2.25 13.56
N TYR C 90 -9.00 2.61 14.84
CA TYR C 90 -9.77 3.79 15.21
C TYR C 90 -9.14 5.06 14.67
N THR C 91 -7.81 5.16 14.73
CA THR C 91 -7.10 6.38 14.37
C THR C 91 -6.32 6.28 13.08
N THR C 92 -6.23 5.10 12.46
CA THR C 92 -5.58 4.90 11.16
C THR C 92 -4.13 5.38 11.17
N ASN C 93 -3.41 5.07 12.23
CA ASN C 93 -2.00 5.40 12.33
C ASN C 93 -1.18 4.14 12.61
N LYS C 94 0.07 4.15 12.16
CA LYS C 94 0.93 2.97 12.18
C LYS C 94 1.62 2.87 13.53
N VAL C 95 1.26 1.86 14.32
CA VAL C 95 1.93 1.61 15.58
C VAL C 95 3.35 1.11 15.33
N HIS C 96 3.50 0.15 14.42
CA HIS C 96 4.79 -0.44 14.10
C HIS C 96 4.89 -0.64 12.59
N ALA C 97 6.12 -0.81 12.12
CA ALA C 97 6.40 -1.17 10.72
C ALA C 97 7.56 -2.16 10.76
N ILE C 98 7.23 -3.44 10.73
CA ILE C 98 8.21 -4.51 10.88
C ILE C 98 8.75 -4.84 9.48
N PRO C 99 10.05 -4.71 9.23
CA PRO C 99 10.61 -5.20 7.98
C PRO C 99 10.84 -6.70 8.02
N LEU C 100 10.63 -7.34 6.87
CA LEU C 100 10.70 -8.79 6.76
C LEU C 100 11.90 -9.21 5.93
N ARG C 101 12.53 -10.32 6.33
CA ARG C 101 13.66 -10.84 5.58
C ARG C 101 13.23 -11.27 4.18
N SER C 102 12.06 -11.89 4.06
CA SER C 102 11.52 -12.33 2.79
C SER C 102 10.26 -11.54 2.48
N SER C 103 10.17 -11.02 1.26
CA SER C 103 9.03 -10.21 0.84
C SER C 103 7.90 -11.05 0.27
N TRP C 104 8.00 -12.37 0.31
CA TRP C 104 7.05 -13.27 -0.30
C TRP C 104 6.11 -13.89 0.74
N VAL C 105 5.74 -13.11 1.74
CA VAL C 105 4.88 -13.59 2.81
C VAL C 105 3.42 -13.58 2.35
N MET C 106 2.67 -14.61 2.72
CA MET C 106 1.27 -14.72 2.35
C MET C 106 0.37 -15.05 3.53
N THR C 107 0.87 -14.95 4.76
CA THR C 107 0.04 -15.16 5.93
C THR C 107 0.60 -14.32 7.08
N CYS C 108 -0.29 -14.01 8.03
CA CYS C 108 0.08 -13.29 9.24
C CYS C 108 -0.98 -13.54 10.29
N ALA C 109 -0.58 -13.43 11.56
CA ALA C 109 -1.50 -13.68 12.66
C ALA C 109 -1.11 -12.80 13.84
N TYR C 110 -2.05 -12.68 14.77
CA TYR C 110 -1.90 -11.86 15.97
C TYR C 110 -2.12 -12.74 17.19
N ALA C 111 -1.21 -12.66 18.15
CA ALA C 111 -1.37 -13.41 19.38
C ALA C 111 -2.61 -12.92 20.12
N PRO C 112 -3.36 -13.82 20.77
CA PRO C 112 -4.54 -13.37 21.51
C PRO C 112 -4.22 -12.37 22.60
N SER C 113 -3.07 -12.51 23.26
CA SER C 113 -2.65 -11.52 24.24
C SER C 113 -2.15 -10.23 23.60
N GLY C 114 -1.80 -10.27 22.32
CA GLY C 114 -1.26 -9.11 21.64
C GLY C 114 0.23 -8.91 21.82
N ASN C 115 0.94 -9.90 22.37
CA ASN C 115 2.37 -9.74 22.65
C ASN C 115 3.23 -10.15 21.46
N TYR C 116 2.73 -11.04 20.61
CA TYR C 116 3.49 -11.59 19.50
C TYR C 116 2.69 -11.52 18.22
N VAL C 117 3.40 -11.55 17.10
CA VAL C 117 2.81 -11.57 15.77
C VAL C 117 3.59 -12.55 14.91
N ALA C 118 2.88 -13.33 14.11
CA ALA C 118 3.49 -14.32 13.23
C ALA C 118 3.35 -13.91 11.78
N CYS C 119 4.18 -14.50 10.94
CA CYS C 119 4.19 -14.19 9.51
C CYS C 119 4.92 -15.30 8.76
N GLY C 120 4.45 -15.59 7.55
CA GLY C 120 5.08 -16.63 6.74
C GLY C 120 4.67 -16.51 5.29
N GLY C 121 5.34 -17.29 4.45
CA GLY C 121 5.06 -17.24 3.02
C GLY C 121 5.85 -18.23 2.19
N LEU C 122 6.28 -17.80 1.00
CA LEU C 122 6.97 -18.68 0.07
C LEU C 122 8.32 -19.16 0.59
N ASP C 123 8.85 -18.55 1.64
CA ASP C 123 10.05 -19.03 2.32
C ASP C 123 9.75 -20.18 3.27
N ASN C 124 8.49 -20.63 3.33
CA ASN C 124 8.00 -21.69 4.23
C ASN C 124 8.62 -21.59 5.62
N ILE C 125 8.38 -20.44 6.26
CA ILE C 125 8.79 -20.20 7.64
C ILE C 125 7.77 -19.26 8.28
N CYS C 126 7.13 -19.71 9.36
CA CYS C 126 6.28 -18.84 10.18
C CYS C 126 7.15 -18.27 11.28
N SER C 127 7.51 -17.00 11.16
CA SER C 127 8.41 -16.34 12.10
C SER C 127 7.62 -15.50 13.09
N ILE C 128 8.02 -15.58 14.35
CA ILE C 128 7.33 -14.92 15.45
C ILE C 128 8.10 -13.67 15.84
N TYR C 129 7.41 -12.54 15.93
CA TYR C 129 8.02 -11.26 16.30
C TYR C 129 7.51 -10.84 17.67
N ASN C 130 8.43 -10.42 18.53
CA ASN C 130 8.10 -9.97 19.87
C ASN C 130 7.82 -8.47 19.84
N LEU C 131 6.58 -8.10 20.17
CA LEU C 131 6.16 -6.71 20.05
C LEU C 131 6.48 -5.88 21.29
N LYS C 132 6.63 -6.51 22.45
CA LYS C 132 6.76 -5.81 23.72
C LYS C 132 8.10 -6.20 24.34
N THR C 133 9.14 -5.47 23.98
CA THR C 133 10.49 -5.72 24.48
C THR C 133 10.92 -4.59 25.41
N ARG C 134 11.98 -4.86 26.19
CA ARG C 134 12.56 -3.84 27.05
C ARG C 134 13.14 -2.70 26.22
N GLU C 135 13.56 -2.98 24.99
CA GLU C 135 14.01 -1.95 24.07
C GLU C 135 12.79 -1.37 23.35
N GLY C 136 13.03 -0.55 22.33
CA GLY C 136 11.96 0.11 21.62
C GLY C 136 11.57 -0.49 20.28
N ASN C 137 12.22 -1.56 19.86
CA ASN C 137 11.99 -2.14 18.54
C ASN C 137 11.34 -3.52 18.67
N VAL C 138 10.88 -4.02 17.52
CA VAL C 138 10.32 -5.35 17.40
C VAL C 138 11.41 -6.27 16.86
N ARG C 139 11.59 -7.43 17.50
CA ARG C 139 12.64 -8.36 17.12
C ARG C 139 12.04 -9.74 16.89
N VAL C 140 12.72 -10.52 16.03
CA VAL C 140 12.27 -11.87 15.68
C VAL C 140 12.45 -12.77 16.90
N SER C 141 11.34 -13.15 17.54
CA SER C 141 11.44 -14.00 18.73
C SER C 141 11.85 -15.42 18.35
N ARG C 142 11.28 -15.96 17.28
CA ARG C 142 11.58 -17.32 16.85
C ARG C 142 11.39 -17.42 15.35
N GLU C 143 12.07 -18.40 14.75
CA GLU C 143 12.04 -18.63 13.31
C GLU C 143 11.83 -20.13 13.08
N LEU C 144 10.57 -20.54 12.99
CA LEU C 144 10.24 -21.95 12.85
C LEU C 144 10.53 -22.44 11.43
N ALA C 145 11.19 -23.59 11.33
CA ALA C 145 11.48 -24.22 10.05
C ALA C 145 11.19 -25.71 10.16
N GLY C 146 10.88 -26.31 9.01
CA GLY C 146 10.54 -27.72 8.98
C GLY C 146 9.47 -28.08 7.96
N HIS C 147 8.71 -27.10 7.49
CA HIS C 147 7.77 -27.36 6.42
C HIS C 147 8.50 -27.47 5.09
N THR C 148 7.88 -28.18 4.15
CA THR C 148 8.45 -28.40 2.83
C THR C 148 7.91 -27.45 1.78
N GLY C 149 6.63 -27.10 1.86
CA GLY C 149 6.01 -26.16 0.96
C GLY C 149 5.65 -24.85 1.66
N TYR C 150 5.29 -23.87 0.84
CA TYR C 150 4.98 -22.54 1.33
C TYR C 150 3.93 -22.59 2.42
N LEU C 151 4.04 -21.70 3.39
CA LEU C 151 3.10 -21.62 4.49
C LEU C 151 1.94 -20.73 4.10
N SER C 152 0.72 -21.26 4.19
CA SER C 152 -0.48 -20.52 3.84
C SER C 152 -1.20 -19.95 5.04
N CYS C 153 -0.97 -20.48 6.24
CA CYS C 153 -1.63 -20.00 7.44
C CYS C 153 -0.96 -20.54 8.70
N CYS C 154 -0.68 -19.67 9.66
CA CYS C 154 -0.37 -20.08 11.03
C CYS C 154 -1.23 -19.27 11.99
N ARG C 155 -1.81 -19.94 12.98
CA ARG C 155 -2.75 -19.34 13.92
C ARG C 155 -2.30 -19.60 15.34
N PHE C 156 -2.41 -18.58 16.18
CA PHE C 156 -1.88 -18.63 17.54
C PHE C 156 -2.88 -19.34 18.46
N LEU C 157 -2.48 -20.51 18.98
CA LEU C 157 -3.28 -21.15 20.03
C LEU C 157 -3.21 -20.35 21.32
N ASP C 158 -2.01 -19.98 21.73
CA ASP C 158 -1.78 -19.12 22.88
C ASP C 158 -0.40 -18.48 22.71
N ASP C 159 0.12 -17.87 23.78
CA ASP C 159 1.41 -17.21 23.69
C ASP C 159 2.56 -18.18 23.46
N ASN C 160 2.33 -19.48 23.65
CA ASN C 160 3.39 -20.48 23.53
C ASN C 160 3.18 -21.48 22.40
N GLN C 161 1.97 -21.62 21.89
CA GLN C 161 1.67 -22.60 20.87
C GLN C 161 1.16 -21.93 19.61
N ILE C 162 1.49 -22.51 18.46
CA ILE C 162 1.01 -22.04 17.17
C ILE C 162 0.91 -23.23 16.24
N VAL C 163 -0.13 -23.27 15.40
CA VAL C 163 -0.35 -24.34 14.44
C VAL C 163 -0.35 -23.74 13.05
N THR C 164 0.43 -24.32 12.14
CA THR C 164 0.60 -23.80 10.80
C THR C 164 0.11 -24.81 9.77
N SER C 165 -0.27 -24.29 8.60
CA SER C 165 -0.68 -25.08 7.46
C SER C 165 0.19 -24.71 6.27
N SER C 166 0.70 -25.71 5.56
CA SER C 166 1.65 -25.47 4.48
C SER C 166 1.24 -26.24 3.24
N GLY C 167 1.74 -25.77 2.10
CA GLY C 167 1.42 -26.36 0.82
C GLY C 167 2.13 -27.67 0.54
N ASP C 168 2.58 -28.36 1.59
CA ASP C 168 3.15 -29.69 1.48
C ASP C 168 2.18 -30.77 2.00
N THR C 169 0.88 -30.48 1.95
CA THR C 169 -0.16 -31.39 2.43
C THR C 169 0.07 -31.80 3.88
N THR C 170 0.22 -30.80 4.75
CA THR C 170 0.55 -31.06 6.14
C THR C 170 0.19 -29.85 6.98
N CYS C 171 -0.38 -30.11 8.17
CA CYS C 171 -0.54 -29.12 9.22
C CYS C 171 0.31 -29.54 10.41
N ALA C 172 1.00 -28.58 11.02
CA ALA C 172 1.93 -28.86 12.09
C ALA C 172 1.67 -27.94 13.28
N LEU C 173 1.88 -28.49 14.48
CA LEU C 173 1.73 -27.76 15.72
C LEU C 173 3.10 -27.60 16.38
N TRP C 174 3.46 -26.36 16.69
CA TRP C 174 4.81 -26.02 17.14
C TRP C 174 4.82 -25.63 18.61
N ASP C 175 6.02 -25.67 19.19
CA ASP C 175 6.30 -25.15 20.52
C ASP C 175 7.34 -24.05 20.35
N ILE C 176 6.96 -22.81 20.71
CA ILE C 176 7.77 -21.66 20.32
C ILE C 176 9.10 -21.63 21.06
N GLU C 177 9.11 -22.04 22.33
CA GLU C 177 10.35 -22.00 23.11
C GLU C 177 11.44 -22.85 22.46
N THR C 178 11.21 -24.17 22.39
CA THR C 178 12.21 -25.05 21.81
C THR C 178 12.36 -24.83 20.30
N GLY C 179 11.26 -24.56 19.61
CA GLY C 179 11.31 -24.15 18.23
C GLY C 179 11.00 -25.21 17.19
N GLN C 180 10.56 -26.40 17.59
CA GLN C 180 10.24 -27.47 16.65
C GLN C 180 8.82 -27.95 16.88
N GLN C 181 8.22 -28.49 15.83
CA GLN C 181 6.83 -28.94 15.91
C GLN C 181 6.72 -30.19 16.78
N THR C 182 5.66 -30.23 17.59
CA THR C 182 5.41 -31.36 18.47
C THR C 182 4.39 -32.34 17.91
N THR C 183 3.52 -31.89 16.99
CA THR C 183 2.53 -32.76 16.39
C THR C 183 2.49 -32.49 14.89
N THR C 184 2.05 -33.49 14.13
CA THR C 184 1.91 -33.37 12.69
C THR C 184 0.58 -33.97 12.27
N PHE C 185 -0.11 -33.29 11.35
CA PHE C 185 -1.43 -33.70 10.87
C PHE C 185 -1.33 -33.99 9.38
N THR C 186 -1.01 -35.24 9.04
CA THR C 186 -0.79 -35.65 7.65
C THR C 186 -1.93 -36.57 7.23
N GLY C 187 -3.02 -35.95 6.77
CA GLY C 187 -4.13 -36.70 6.22
C GLY C 187 -4.55 -36.21 4.85
N HIS C 188 -4.15 -34.99 4.51
CA HIS C 188 -4.58 -34.36 3.27
C HIS C 188 -3.82 -34.93 2.08
N THR C 189 -4.36 -34.69 0.89
CA THR C 189 -3.73 -35.09 -0.36
C THR C 189 -3.23 -33.92 -1.18
N GLY C 190 -3.95 -32.81 -1.21
CA GLY C 190 -3.51 -31.60 -1.86
C GLY C 190 -2.92 -30.60 -0.87
N ASP C 191 -2.49 -29.46 -1.41
CA ASP C 191 -1.92 -28.42 -0.57
C ASP C 191 -2.98 -27.86 0.37
N VAL C 192 -2.60 -27.69 1.64
CA VAL C 192 -3.49 -27.10 2.63
C VAL C 192 -3.43 -25.59 2.50
N MET C 193 -4.60 -24.96 2.35
CA MET C 193 -4.67 -23.56 1.99
C MET C 193 -5.30 -22.66 3.05
N SER C 194 -5.92 -23.22 4.09
CA SER C 194 -6.57 -22.38 5.07
C SER C 194 -6.63 -23.10 6.42
N LEU C 195 -6.80 -22.30 7.47
CA LEU C 195 -6.89 -22.78 8.84
C LEU C 195 -7.97 -22.00 9.58
N SER C 196 -8.53 -22.64 10.60
CA SER C 196 -9.48 -21.95 11.48
C SER C 196 -9.53 -22.70 12.80
N LEU C 197 -9.14 -22.03 13.89
CA LEU C 197 -9.22 -22.60 15.21
C LEU C 197 -10.63 -22.44 15.78
N ALA C 198 -11.09 -23.45 16.50
CA ALA C 198 -12.38 -23.35 17.17
C ALA C 198 -12.31 -22.30 18.28
N PRO C 199 -13.43 -21.67 18.61
CA PRO C 199 -13.41 -20.64 19.66
C PRO C 199 -12.90 -21.15 21.00
N ASP C 200 -13.13 -22.42 21.32
CA ASP C 200 -12.59 -23.01 22.53
C ASP C 200 -11.21 -23.62 22.33
N THR C 201 -10.68 -23.55 21.11
CA THR C 201 -9.29 -23.92 20.82
C THR C 201 -8.95 -25.35 21.25
N ARG C 202 -9.83 -26.29 20.91
CA ARG C 202 -9.55 -27.70 21.06
C ARG C 202 -9.56 -28.46 19.74
N LEU C 203 -10.29 -27.98 18.75
CA LEU C 203 -10.34 -28.57 17.42
C LEU C 203 -10.10 -27.48 16.38
N PHE C 204 -9.69 -27.90 15.19
CA PHE C 204 -9.55 -26.98 14.07
C PHE C 204 -9.70 -27.75 12.77
N VAL C 205 -10.24 -27.08 11.76
CA VAL C 205 -10.42 -27.66 10.44
C VAL C 205 -9.44 -26.99 9.48
N SER C 206 -8.96 -27.77 8.52
CA SER C 206 -8.03 -27.28 7.50
C SER C 206 -8.58 -27.62 6.12
N GLY C 207 -8.63 -26.64 5.24
CA GLY C 207 -9.11 -26.82 3.89
C GLY C 207 -7.96 -26.96 2.92
N ALA C 208 -7.95 -28.06 2.18
CA ALA C 208 -6.86 -28.41 1.30
C ALA C 208 -7.26 -28.23 -0.16
N CYS C 209 -6.35 -28.62 -1.05
CA CYS C 209 -6.58 -28.54 -2.50
C CYS C 209 -7.29 -29.77 -3.05
N ASP C 210 -7.44 -30.83 -2.27
CA ASP C 210 -8.12 -32.03 -2.71
C ASP C 210 -9.64 -31.90 -2.64
N ALA C 211 -10.15 -30.68 -2.47
CA ALA C 211 -11.58 -30.43 -2.32
C ALA C 211 -12.15 -31.20 -1.14
N SER C 212 -11.54 -31.02 0.02
CA SER C 212 -12.01 -31.65 1.25
C SER C 212 -11.49 -30.86 2.43
N ALA C 213 -12.31 -30.81 3.49
CA ALA C 213 -11.95 -30.18 4.74
C ALA C 213 -11.97 -31.23 5.84
N LYS C 214 -10.93 -31.25 6.66
CA LYS C 214 -10.77 -32.26 7.69
C LYS C 214 -10.74 -31.61 9.06
N LEU C 215 -11.29 -32.31 10.05
CA LEU C 215 -11.36 -31.83 11.42
C LEU C 215 -10.39 -32.63 12.28
N TRP C 216 -9.45 -31.95 12.90
CA TRP C 216 -8.41 -32.58 13.71
C TRP C 216 -8.63 -32.33 15.19
N ASP C 217 -7.81 -32.99 16.00
CA ASP C 217 -7.76 -32.78 17.43
C ASP C 217 -6.33 -32.38 17.82
N VAL C 218 -6.19 -31.24 18.48
CA VAL C 218 -4.86 -30.72 18.78
C VAL C 218 -4.13 -31.63 19.78
N ARG C 219 -4.81 -32.02 20.85
CA ARG C 219 -4.15 -32.82 21.88
C ARG C 219 -3.79 -34.21 21.37
N GLU C 220 -4.70 -34.85 20.63
CA GLU C 220 -4.41 -36.18 20.11
C GLU C 220 -3.47 -36.11 18.91
N GLY C 221 -3.90 -35.46 17.84
CA GLY C 221 -3.15 -35.41 16.62
C GLY C 221 -3.66 -36.30 15.50
N MET C 222 -4.97 -36.50 15.41
CA MET C 222 -5.56 -37.39 14.42
C MET C 222 -6.77 -36.71 13.78
N CYS C 223 -7.08 -37.13 12.55
CA CYS C 223 -8.21 -36.57 11.81
C CYS C 223 -9.50 -37.16 12.35
N ARG C 224 -10.33 -36.32 12.97
CA ARG C 224 -11.60 -36.79 13.51
C ARG C 224 -12.62 -37.02 12.40
N GLN C 225 -12.71 -36.11 11.45
CA GLN C 225 -13.72 -36.19 10.40
C GLN C 225 -13.16 -35.60 9.12
N THR C 226 -13.75 -36.00 7.99
CA THR C 226 -13.41 -35.45 6.68
C THR C 226 -14.70 -35.03 6.00
N PHE C 227 -14.75 -33.80 5.54
CA PHE C 227 -15.95 -33.22 4.94
C PHE C 227 -15.67 -32.92 3.47
N THR C 228 -16.46 -33.54 2.59
CA THR C 228 -16.32 -33.40 1.16
C THR C 228 -17.58 -32.79 0.56
N GLY C 229 -17.48 -32.37 -0.69
CA GLY C 229 -18.62 -31.80 -1.39
C GLY C 229 -18.28 -30.66 -2.33
N HIS C 230 -17.05 -30.18 -2.27
CA HIS C 230 -16.61 -29.14 -3.19
C HIS C 230 -16.05 -29.77 -4.46
N GLU C 231 -15.95 -28.95 -5.51
CA GLU C 231 -15.47 -29.41 -6.80
C GLU C 231 -14.13 -28.82 -7.19
N SER C 232 -13.55 -27.96 -6.35
CA SER C 232 -12.24 -27.38 -6.62
C SER C 232 -11.50 -27.23 -5.31
N ASP C 233 -10.31 -26.65 -5.37
CA ASP C 233 -9.49 -26.49 -4.19
C ASP C 233 -10.11 -25.45 -3.25
N ILE C 234 -10.15 -25.79 -1.96
CA ILE C 234 -10.73 -24.91 -0.95
C ILE C 234 -9.72 -23.83 -0.61
N ASN C 235 -10.15 -22.57 -0.63
CA ASN C 235 -9.28 -21.43 -0.38
C ASN C 235 -9.51 -20.76 0.96
N ALA C 236 -10.67 -20.97 1.58
CA ALA C 236 -11.02 -20.28 2.81
C ALA C 236 -11.71 -21.23 3.77
N ILE C 237 -11.35 -21.12 5.05
CA ILE C 237 -11.92 -21.93 6.11
C ILE C 237 -12.24 -21.03 7.28
N CYS C 238 -13.42 -21.19 7.87
CA CYS C 238 -13.83 -20.38 9.01
C CYS C 238 -14.81 -21.17 9.87
N PHE C 239 -14.63 -21.11 11.19
CA PHE C 239 -15.56 -21.73 12.12
C PHE C 239 -16.80 -20.90 12.34
N PHE C 240 -17.91 -21.61 12.56
CA PHE C 240 -19.11 -20.99 13.10
C PHE C 240 -18.83 -20.49 14.52
N PRO C 241 -19.43 -19.36 14.92
CA PRO C 241 -19.16 -18.84 16.28
C PRO C 241 -19.50 -19.83 17.37
N ASN C 242 -20.50 -20.67 17.19
CA ASN C 242 -20.81 -21.70 18.19
C ASN C 242 -19.65 -22.67 18.33
N GLY C 243 -19.04 -23.06 17.21
CA GLY C 243 -18.02 -24.08 17.19
C GLY C 243 -18.48 -25.44 16.75
N ASN C 244 -19.75 -25.58 16.37
CA ASN C 244 -20.31 -26.85 15.91
C ASN C 244 -20.62 -26.83 14.42
N ALA C 245 -19.96 -25.96 13.66
CA ALA C 245 -20.12 -25.88 12.22
C ALA C 245 -18.97 -25.06 11.67
N PHE C 246 -18.87 -25.00 10.35
CA PHE C 246 -17.86 -24.19 9.69
C PHE C 246 -18.27 -23.96 8.24
N ALA C 247 -17.54 -23.06 7.58
CA ALA C 247 -17.82 -22.69 6.20
C ALA C 247 -16.57 -22.86 5.36
N THR C 248 -16.79 -23.16 4.08
CA THR C 248 -15.71 -23.42 3.13
C THR C 248 -15.86 -22.52 1.91
N GLY C 249 -14.73 -22.16 1.32
CA GLY C 249 -14.73 -21.35 0.12
C GLY C 249 -13.76 -21.89 -0.92
N SER C 250 -14.21 -22.05 -2.17
CA SER C 250 -13.38 -22.65 -3.19
C SER C 250 -13.42 -21.87 -4.49
N ASP C 251 -12.82 -22.43 -5.54
CA ASP C 251 -12.79 -21.80 -6.86
C ASP C 251 -14.08 -21.96 -7.63
N ASP C 252 -14.96 -22.88 -7.23
CA ASP C 252 -16.20 -23.12 -7.96
C ASP C 252 -17.26 -22.05 -7.70
N ALA C 253 -16.89 -20.92 -7.09
CA ALA C 253 -17.82 -19.84 -6.79
C ALA C 253 -18.97 -20.33 -5.92
N THR C 254 -18.62 -21.02 -4.84
CA THR C 254 -19.63 -21.64 -3.99
C THR C 254 -19.10 -21.74 -2.57
N CYS C 255 -19.89 -21.25 -1.62
CA CYS C 255 -19.64 -21.50 -0.21
C CYS C 255 -20.44 -22.71 0.24
N ARG C 256 -20.06 -23.26 1.39
CA ARG C 256 -20.76 -24.43 1.92
C ARG C 256 -20.65 -24.43 3.44
N LEU C 257 -21.77 -24.66 4.10
CA LEU C 257 -21.83 -24.73 5.56
C LEU C 257 -21.88 -26.20 5.95
N PHE C 258 -20.85 -26.67 6.63
CA PHE C 258 -20.79 -28.04 7.11
C PHE C 258 -21.08 -28.08 8.61
N ASP C 259 -21.48 -29.25 9.09
CA ASP C 259 -21.79 -29.44 10.49
C ASP C 259 -20.92 -30.58 11.02
N LEU C 260 -20.37 -30.37 12.22
CA LEU C 260 -19.54 -31.40 12.85
C LEU C 260 -20.38 -32.54 13.40
N ARG C 261 -21.52 -32.22 14.02
CA ARG C 261 -22.29 -33.24 14.74
C ARG C 261 -22.94 -34.22 13.77
N ALA C 262 -23.63 -33.72 12.74
CA ALA C 262 -24.22 -34.61 11.75
C ALA C 262 -23.21 -35.10 10.72
N ASP C 263 -22.03 -34.50 10.67
CA ASP C 263 -20.96 -34.92 9.77
C ASP C 263 -21.42 -34.88 8.31
N GLN C 264 -22.01 -33.76 7.91
CA GLN C 264 -22.43 -33.60 6.53
C GLN C 264 -22.72 -32.13 6.25
N GLU C 265 -22.79 -31.79 4.97
CA GLU C 265 -23.07 -30.43 4.54
C GLU C 265 -24.51 -30.05 4.84
N LEU C 266 -24.72 -28.79 5.20
CA LEU C 266 -26.05 -28.26 5.49
C LEU C 266 -26.58 -27.37 4.37
N MET C 267 -25.81 -26.38 3.94
CA MET C 267 -26.29 -25.40 2.98
C MET C 267 -25.16 -24.98 2.05
N THR C 268 -25.53 -24.56 0.84
CA THR C 268 -24.59 -24.04 -0.14
C THR C 268 -25.00 -22.63 -0.52
N TYR C 269 -24.00 -21.76 -0.70
CA TYR C 269 -24.22 -20.36 -1.03
C TYR C 269 -23.65 -20.12 -2.42
N SER C 270 -24.49 -20.31 -3.44
CA SER C 270 -24.08 -20.15 -4.83
C SER C 270 -25.05 -19.23 -5.54
N HIS C 271 -24.53 -18.47 -6.50
CA HIS C 271 -25.33 -17.58 -7.33
C HIS C 271 -24.93 -17.74 -8.78
N ASP C 272 -25.89 -17.60 -9.68
CA ASP C 272 -25.61 -17.80 -11.10
C ASP C 272 -24.68 -16.74 -11.66
N ASN C 273 -24.90 -15.47 -11.29
CA ASN C 273 -24.09 -14.40 -11.85
C ASN C 273 -22.66 -14.43 -11.32
N ILE C 274 -22.45 -14.95 -10.13
CA ILE C 274 -21.11 -15.05 -9.57
C ILE C 274 -20.45 -16.32 -10.11
N ILE C 275 -19.34 -16.16 -10.81
CA ILE C 275 -18.64 -17.28 -11.41
C ILE C 275 -17.22 -17.44 -10.91
N CYS C 276 -16.60 -16.40 -10.36
CA CYS C 276 -15.23 -16.49 -9.89
C CYS C 276 -15.19 -17.05 -8.47
N GLY C 277 -14.01 -17.52 -8.08
CA GLY C 277 -13.84 -18.22 -6.81
C GLY C 277 -14.00 -17.39 -5.56
N ILE C 278 -13.45 -17.86 -4.45
CA ILE C 278 -13.55 -17.19 -3.17
C ILE C 278 -12.17 -17.14 -2.54
N THR C 279 -11.76 -15.94 -2.11
CA THR C 279 -10.44 -15.76 -1.52
C THR C 279 -10.44 -15.89 0.00
N SER C 280 -11.51 -15.48 0.67
CA SER C 280 -11.55 -15.50 2.12
C SER C 280 -13.00 -15.52 2.59
N VAL C 281 -13.26 -16.27 3.66
CA VAL C 281 -14.60 -16.47 4.20
C VAL C 281 -14.54 -16.22 5.71
N SER C 282 -15.51 -15.47 6.23
CA SER C 282 -15.62 -15.25 7.66
C SER C 282 -17.08 -15.13 8.04
N PHE C 283 -17.36 -15.31 9.33
CA PHE C 283 -18.70 -15.26 9.87
C PHE C 283 -18.93 -13.94 10.60
N SER C 284 -20.08 -13.82 11.23
CA SER C 284 -20.39 -12.68 12.08
C SER C 284 -20.28 -13.09 13.55
N LYS C 285 -20.60 -12.16 14.44
CA LYS C 285 -20.48 -12.46 15.86
C LYS C 285 -21.54 -13.45 16.33
N SER C 286 -22.70 -13.47 15.68
CA SER C 286 -23.76 -14.41 16.03
C SER C 286 -23.90 -15.56 15.04
N GLY C 287 -23.37 -15.41 13.84
CA GLY C 287 -23.44 -16.46 12.84
C GLY C 287 -24.52 -16.28 11.79
N ARG C 288 -25.24 -15.16 11.80
CA ARG C 288 -26.27 -14.91 10.81
C ARG C 288 -25.73 -14.39 9.50
N LEU C 289 -24.48 -13.93 9.48
CA LEU C 289 -23.87 -13.37 8.28
C LEU C 289 -22.68 -14.23 7.87
N LEU C 290 -22.33 -14.16 6.60
CA LEU C 290 -21.20 -14.92 6.06
C LEU C 290 -20.57 -14.04 4.99
N LEU C 291 -19.49 -13.35 5.36
CA LEU C 291 -18.82 -12.41 4.47
C LEU C 291 -17.78 -13.18 3.66
N ALA C 292 -18.17 -13.57 2.45
CA ALA C 292 -17.29 -14.31 1.55
C ALA C 292 -16.68 -13.36 0.54
N GLY C 293 -15.36 -13.27 0.54
CA GLY C 293 -14.67 -12.35 -0.33
C GLY C 293 -14.30 -12.95 -1.67
N TYR C 294 -15.04 -12.60 -2.72
CA TYR C 294 -14.82 -13.14 -4.04
C TYR C 294 -13.69 -12.40 -4.75
N ASP C 295 -13.38 -12.83 -5.97
CA ASP C 295 -12.34 -12.19 -6.78
C ASP C 295 -12.92 -11.41 -7.94
N ASP C 296 -14.19 -11.00 -7.86
CA ASP C 296 -14.78 -10.07 -8.82
C ASP C 296 -14.67 -8.63 -8.36
N PHE C 297 -13.62 -8.32 -7.58
CA PHE C 297 -13.26 -6.97 -7.16
C PHE C 297 -14.20 -6.42 -6.09
N ASN C 298 -14.88 -7.28 -5.33
CA ASN C 298 -15.70 -6.84 -4.21
C ASN C 298 -15.93 -8.03 -3.29
N CYS C 299 -16.79 -7.83 -2.28
CA CYS C 299 -17.11 -8.87 -1.31
C CYS C 299 -18.63 -8.96 -1.19
N ASN C 300 -19.10 -10.14 -0.78
CA ASN C 300 -20.52 -10.42 -0.71
C ASN C 300 -20.89 -10.86 0.70
N VAL C 301 -22.16 -10.66 1.04
CA VAL C 301 -22.69 -10.99 2.36
C VAL C 301 -23.88 -11.93 2.17
N TRP C 302 -23.88 -13.03 2.91
CA TRP C 302 -24.89 -14.07 2.81
C TRP C 302 -25.66 -14.22 4.11
N ASP C 303 -26.93 -14.58 4.00
CA ASP C 303 -27.70 -14.99 5.16
C ASP C 303 -27.39 -16.46 5.42
N ALA C 304 -26.68 -16.73 6.52
CA ALA C 304 -26.15 -18.07 6.77
C ALA C 304 -27.23 -19.11 7.05
N LEU C 305 -28.48 -18.70 7.29
CA LEU C 305 -29.54 -19.64 7.59
C LEU C 305 -30.48 -19.88 6.41
N LYS C 306 -30.45 -19.04 5.38
CA LYS C 306 -31.34 -19.21 4.23
C LYS C 306 -30.63 -19.05 2.89
N ALA C 307 -29.30 -18.92 2.89
CA ALA C 307 -28.50 -18.83 1.66
C ALA C 307 -28.89 -17.64 0.80
N ASP C 308 -29.52 -16.63 1.41
CA ASP C 308 -29.99 -15.47 0.67
C ASP C 308 -28.93 -14.37 0.68
N ARG C 309 -28.66 -13.81 -0.48
CA ARG C 309 -27.63 -12.79 -0.66
C ARG C 309 -28.12 -11.49 -0.02
N ALA C 310 -27.64 -11.19 1.18
CA ALA C 310 -28.14 -10.03 1.92
C ALA C 310 -27.64 -8.72 1.32
N GLY C 311 -26.35 -8.64 1.00
CA GLY C 311 -25.80 -7.42 0.46
C GLY C 311 -24.40 -7.65 -0.06
N VAL C 312 -23.76 -6.56 -0.52
CA VAL C 312 -22.42 -6.62 -1.06
C VAL C 312 -21.58 -5.52 -0.44
N LEU C 313 -20.26 -5.66 -0.56
CA LEU C 313 -19.30 -4.62 -0.20
C LEU C 313 -18.41 -4.40 -1.42
N ALA C 314 -18.60 -3.28 -2.10
CA ALA C 314 -18.05 -3.07 -3.44
C ALA C 314 -17.21 -1.81 -3.49
N GLY C 315 -16.31 -1.65 -2.52
CA GLY C 315 -15.43 -0.50 -2.47
C GLY C 315 -14.00 -0.73 -2.86
N HIS C 316 -13.65 -1.87 -3.43
CA HIS C 316 -12.26 -2.21 -3.73
C HIS C 316 -12.01 -2.18 -5.22
N ASP C 317 -10.87 -1.62 -5.61
CA ASP C 317 -10.46 -1.53 -7.01
C ASP C 317 -9.76 -2.78 -7.50
N ASN C 318 -9.58 -3.78 -6.65
CA ASN C 318 -9.00 -5.06 -7.03
C ASN C 318 -9.72 -6.14 -6.23
N ARG C 319 -9.28 -7.38 -6.39
CA ARG C 319 -9.90 -8.48 -5.65
C ARG C 319 -9.45 -8.45 -4.20
N VAL C 320 -10.38 -8.78 -3.30
CA VAL C 320 -10.05 -8.85 -1.88
C VAL C 320 -9.43 -10.21 -1.60
N SER C 321 -8.31 -10.20 -0.90
CA SER C 321 -7.58 -11.43 -0.60
C SER C 321 -7.69 -11.87 0.85
N CYS C 322 -8.17 -11.00 1.74
CA CYS C 322 -8.30 -11.33 3.15
C CYS C 322 -9.34 -10.42 3.77
N LEU C 323 -10.09 -10.96 4.73
CA LEU C 323 -11.05 -10.16 5.47
C LEU C 323 -11.47 -10.92 6.72
N GLY C 324 -11.47 -10.22 7.86
CA GLY C 324 -11.89 -10.81 9.11
C GLY C 324 -12.80 -9.85 9.86
N VAL C 325 -13.47 -10.38 10.87
CA VAL C 325 -14.44 -9.65 11.66
C VAL C 325 -13.93 -9.54 13.09
N THR C 326 -14.10 -8.36 13.69
CA THR C 326 -13.60 -8.13 15.04
C THR C 326 -14.27 -9.07 16.03
N ASP C 327 -13.52 -9.40 17.09
CA ASP C 327 -14.03 -10.35 18.08
C ASP C 327 -15.29 -9.81 18.76
N ASP C 328 -15.32 -8.51 19.05
CA ASP C 328 -16.52 -7.89 19.62
C ASP C 328 -17.62 -7.68 18.60
N GLY C 329 -17.34 -7.87 17.32
CA GLY C 329 -18.37 -7.76 16.30
C GLY C 329 -18.75 -6.36 15.90
N MET C 330 -17.84 -5.39 16.06
CA MET C 330 -18.15 -4.01 15.70
C MET C 330 -17.97 -3.74 14.22
N ALA C 331 -16.88 -4.24 13.62
CA ALA C 331 -16.48 -3.83 12.29
C ALA C 331 -15.98 -5.01 11.50
N VAL C 332 -15.81 -4.80 10.20
CA VAL C 332 -15.24 -5.79 9.29
C VAL C 332 -14.18 -5.09 8.45
N ALA C 333 -12.99 -5.66 8.40
CA ALA C 333 -11.90 -5.12 7.60
C ALA C 333 -11.57 -6.09 6.47
N THR C 334 -11.40 -5.55 5.27
CA THR C 334 -11.11 -6.35 4.08
C THR C 334 -9.90 -5.77 3.37
N GLY C 335 -8.84 -6.56 3.25
CA GLY C 335 -7.72 -6.18 2.43
C GLY C 335 -7.89 -6.65 1.00
N SER C 336 -7.17 -6.01 0.08
CA SER C 336 -7.29 -6.33 -1.33
C SER C 336 -5.93 -6.16 -2.00
N TRP C 337 -5.90 -6.43 -3.31
CA TRP C 337 -4.68 -6.37 -4.09
C TRP C 337 -4.33 -4.97 -4.57
N ASP C 338 -5.19 -3.98 -4.31
CA ASP C 338 -4.89 -2.60 -4.66
C ASP C 338 -4.09 -1.89 -3.58
N SER C 339 -3.42 -2.64 -2.70
CA SER C 339 -2.60 -2.10 -1.62
C SER C 339 -3.43 -1.25 -0.65
N PHE C 340 -4.72 -1.54 -0.56
CA PHE C 340 -5.65 -0.73 0.22
C PHE C 340 -6.40 -1.63 1.21
N LEU C 341 -6.43 -1.21 2.47
CA LEU C 341 -7.25 -1.85 3.48
C LEU C 341 -8.42 -0.94 3.83
N LYS C 342 -9.61 -1.53 3.95
CA LYS C 342 -10.81 -0.78 4.27
C LYS C 342 -11.55 -1.48 5.39
N ILE C 343 -12.06 -0.68 6.32
CA ILE C 343 -12.78 -1.18 7.50
C ILE C 343 -14.23 -0.74 7.37
N TRP C 344 -15.13 -1.72 7.44
CA TRP C 344 -16.55 -1.49 7.27
C TRP C 344 -17.25 -1.54 8.62
N ASN C 345 -18.57 -1.44 8.60
CA ASN C 345 -19.35 -1.46 9.83
C ASN C 345 -20.77 -1.96 9.59
N THR D 6 6.59 -51.27 -0.34
CA THR D 6 5.66 -51.51 0.75
C THR D 6 5.00 -50.21 1.21
N ALA D 7 5.44 -49.09 0.62
CA ALA D 7 4.87 -47.80 0.98
C ALA D 7 3.39 -47.72 0.59
N SER D 8 3.05 -48.23 -0.59
CA SER D 8 1.66 -48.20 -1.03
C SER D 8 0.77 -49.04 -0.12
N ILE D 9 1.25 -50.21 0.30
CA ILE D 9 0.49 -51.06 1.19
C ILE D 9 0.24 -50.37 2.53
N ALA D 10 1.28 -49.74 3.08
CA ALA D 10 1.12 -49.02 4.34
C ALA D 10 0.16 -47.85 4.20
N GLN D 11 0.24 -47.13 3.08
CA GLN D 11 -0.67 -46.02 2.85
C GLN D 11 -2.12 -46.50 2.75
N ALA D 12 -2.34 -47.62 2.05
CA ALA D 12 -3.68 -48.17 1.94
C ALA D 12 -4.21 -48.62 3.31
N ARG D 13 -3.34 -49.26 4.11
CA ARG D 13 -3.76 -49.66 5.45
C ARG D 13 -4.12 -48.45 6.30
N LYS D 14 -3.31 -47.39 6.23
CA LYS D 14 -3.59 -46.18 6.99
C LYS D 14 -4.91 -45.55 6.55
N LEU D 15 -5.15 -45.49 5.24
CA LEU D 15 -6.40 -44.93 4.74
C LEU D 15 -7.59 -45.75 5.20
N VAL D 16 -7.48 -47.08 5.15
CA VAL D 16 -8.58 -47.94 5.59
C VAL D 16 -8.87 -47.73 7.07
N GLU D 17 -7.81 -47.68 7.89
CA GLU D 17 -8.01 -47.49 9.32
C GLU D 17 -8.60 -46.13 9.62
N GLN D 18 -8.15 -45.09 8.91
CA GLN D 18 -8.70 -43.75 9.11
C GLN D 18 -10.18 -43.71 8.75
N LEU D 19 -10.56 -44.33 7.62
CA LEU D 19 -11.95 -44.35 7.23
C LEU D 19 -12.79 -45.13 8.24
N LYS D 20 -12.27 -46.25 8.73
CA LYS D 20 -13.00 -47.03 9.73
C LYS D 20 -13.22 -46.24 11.01
N MET D 21 -12.18 -45.51 11.46
CA MET D 21 -12.33 -44.69 12.66
C MET D 21 -13.30 -43.54 12.43
N GLU D 22 -13.32 -42.98 11.22
CA GLU D 22 -14.24 -41.90 10.92
C GLU D 22 -15.68 -42.39 10.84
N ALA D 23 -15.88 -43.64 10.41
CA ALA D 23 -17.23 -44.16 10.25
C ALA D 23 -17.96 -44.30 11.58
N ASN D 24 -17.25 -44.63 12.65
CA ASN D 24 -17.88 -44.97 13.92
C ASN D 24 -18.47 -43.76 14.64
N ILE D 25 -18.20 -42.55 14.18
CA ILE D 25 -18.66 -41.36 14.88
C ILE D 25 -20.19 -41.27 14.82
N ASP D 26 -20.81 -41.08 15.97
CA ASP D 26 -22.26 -40.95 16.04
C ASP D 26 -22.69 -39.58 15.51
N ARG D 27 -23.66 -39.58 14.59
CA ARG D 27 -24.15 -38.36 13.98
C ARG D 27 -25.63 -38.22 14.24
N ILE D 28 -26.03 -37.05 14.74
CA ILE D 28 -27.45 -36.75 14.96
C ILE D 28 -28.06 -36.29 13.65
N LYS D 29 -29.38 -36.22 13.59
CA LYS D 29 -30.05 -35.88 12.34
C LYS D 29 -29.81 -34.41 11.98
N VAL D 30 -30.01 -34.11 10.69
CA VAL D 30 -29.77 -32.77 10.19
C VAL D 30 -30.74 -31.78 10.82
N SER D 31 -31.98 -32.21 11.06
CA SER D 31 -32.97 -31.31 11.63
C SER D 31 -32.57 -30.84 13.03
N LYS D 32 -31.99 -31.74 13.83
CA LYS D 32 -31.53 -31.36 15.17
C LYS D 32 -30.44 -30.30 15.10
N ALA D 33 -29.47 -30.48 14.21
CA ALA D 33 -28.39 -29.50 14.07
C ALA D 33 -28.91 -28.18 13.51
N ALA D 34 -29.86 -28.24 12.59
CA ALA D 34 -30.48 -27.02 12.08
C ALA D 34 -31.19 -26.27 13.19
N ALA D 35 -31.93 -26.99 14.04
CA ALA D 35 -32.60 -26.35 15.17
C ALA D 35 -31.59 -25.74 16.14
N ASP D 36 -30.47 -26.44 16.38
CA ASP D 36 -29.46 -25.91 17.29
C ASP D 36 -28.82 -24.65 16.73
N LEU D 37 -28.49 -24.64 15.44
CA LEU D 37 -27.94 -23.44 14.82
C LEU D 37 -28.94 -22.30 14.86
N MET D 38 -30.21 -22.60 14.60
CA MET D 38 -31.28 -21.61 14.69
C MET D 38 -31.35 -21.01 16.09
N ALA D 39 -31.33 -21.88 17.11
CA ALA D 39 -31.43 -21.40 18.48
C ALA D 39 -30.24 -20.54 18.87
N TYR D 40 -29.02 -20.96 18.49
CA TYR D 40 -27.85 -20.13 18.80
C TYR D 40 -27.93 -18.79 18.08
N CYS D 41 -28.29 -18.78 16.80
CA CYS D 41 -28.27 -17.54 16.04
C CYS D 41 -29.39 -16.61 16.47
N GLU D 42 -30.47 -17.15 17.02
CA GLU D 42 -31.54 -16.30 17.54
C GLU D 42 -31.24 -15.79 18.94
N ALA D 43 -30.56 -16.60 19.76
CA ALA D 43 -30.24 -16.17 21.13
C ALA D 43 -29.20 -15.07 21.17
N HIS D 44 -28.47 -14.84 20.08
CA HIS D 44 -27.46 -13.79 20.01
C HIS D 44 -27.76 -12.79 18.90
N ALA D 45 -29.04 -12.64 18.55
CA ALA D 45 -29.41 -11.74 17.46
C ALA D 45 -29.09 -10.29 17.80
N LYS D 46 -29.45 -9.86 19.00
CA LYS D 46 -29.30 -8.45 19.38
C LYS D 46 -27.85 -8.07 19.66
N GLU D 47 -27.00 -9.03 20.01
CA GLU D 47 -25.60 -8.77 20.28
C GLU D 47 -24.74 -8.76 19.02
N ASP D 48 -25.34 -8.52 17.86
CA ASP D 48 -24.64 -8.54 16.58
C ASP D 48 -24.72 -7.16 15.94
N PRO D 49 -23.75 -6.29 16.20
CA PRO D 49 -23.76 -4.96 15.56
C PRO D 49 -23.69 -5.03 14.04
N LEU D 50 -23.10 -6.08 13.48
CA LEU D 50 -23.09 -6.24 12.03
C LEU D 50 -24.46 -6.60 11.49
N LEU D 51 -25.34 -7.15 12.33
CA LEU D 51 -26.68 -7.50 11.91
C LEU D 51 -27.61 -6.29 11.95
N THR D 52 -27.82 -5.73 13.14
CA THR D 52 -28.65 -4.56 13.34
C THR D 52 -27.77 -3.31 13.44
N PRO D 53 -28.15 -2.21 12.79
CA PRO D 53 -27.27 -1.02 12.79
C PRO D 53 -27.12 -0.45 14.19
N VAL D 54 -25.87 -0.34 14.63
CA VAL D 54 -25.56 0.25 15.93
C VAL D 54 -25.70 1.77 15.84
N PRO D 55 -26.18 2.44 16.88
CA PRO D 55 -26.23 3.91 16.84
C PRO D 55 -24.84 4.52 16.73
N ALA D 56 -24.76 5.68 16.09
CA ALA D 56 -23.47 6.33 15.86
C ALA D 56 -22.80 6.72 17.16
N SER D 57 -23.57 6.97 18.22
CA SER D 57 -22.97 7.26 19.52
C SER D 57 -22.24 6.04 20.07
N GLU D 58 -22.83 4.86 19.93
CA GLU D 58 -22.23 3.62 20.40
C GLU D 58 -21.31 2.98 19.38
N ASN D 59 -21.13 3.59 18.21
CA ASN D 59 -20.27 3.05 17.17
C ASN D 59 -18.85 3.53 17.38
N PRO D 60 -17.89 2.66 17.69
CA PRO D 60 -16.50 3.11 17.84
C PRO D 60 -15.90 3.65 16.56
N PHE D 61 -16.47 3.32 15.41
CA PHE D 61 -15.99 3.80 14.12
C PHE D 61 -16.91 4.88 13.59
N ARG D 62 -16.35 6.04 13.26
CA ARG D 62 -17.10 7.14 12.70
C ARG D 62 -16.25 7.83 11.64
N GLU D 63 -16.93 8.49 10.70
CA GLU D 63 -16.23 9.18 9.61
C GLU D 63 -15.47 10.40 10.12
N ASP E 1 20.14 -5.03 29.99
CA ASP E 1 19.63 -4.05 30.94
C ASP E 1 19.88 -2.63 30.45
N VAL E 2 18.80 -1.84 30.35
CA VAL E 2 18.92 -0.48 29.86
C VAL E 2 19.66 0.38 30.89
N GLN E 3 20.40 1.36 30.39
CA GLN E 3 21.11 2.30 31.24
C GLN E 3 21.05 3.69 30.62
N LEU E 4 21.08 4.70 31.49
CA LEU E 4 21.05 6.11 31.07
C LEU E 4 22.07 6.84 31.94
N VAL E 5 23.28 6.99 31.44
CA VAL E 5 24.35 7.66 32.17
C VAL E 5 24.41 9.11 31.71
N GLU E 6 24.80 9.99 32.63
CA GLU E 6 24.81 11.42 32.37
C GLU E 6 25.91 12.08 33.19
N SER E 7 26.56 13.07 32.58
CA SER E 7 27.65 13.79 33.21
C SER E 7 27.49 15.28 32.99
N GLY E 8 28.05 16.06 33.91
CA GLY E 8 27.96 17.50 33.84
C GLY E 8 27.61 18.13 35.17
N GLY E 9 27.96 19.40 35.34
CA GLY E 9 27.65 20.10 36.57
C GLY E 9 28.62 19.78 37.69
N GLY E 10 28.36 20.42 38.84
CA GLY E 10 29.19 20.25 40.02
C GLY E 10 29.48 21.55 40.71
N LEU E 11 29.66 22.62 39.92
CA LEU E 11 29.75 23.98 40.45
C LEU E 11 29.67 24.99 39.30
N VAL E 12 28.80 25.97 39.42
CA VAL E 12 28.67 27.04 38.42
C VAL E 12 28.51 28.37 39.16
N GLN E 13 29.26 29.37 38.73
CA GLN E 13 29.01 30.71 39.23
C GLN E 13 27.74 31.29 38.59
N PRO E 14 26.99 32.12 39.32
CA PRO E 14 25.73 32.63 38.77
C PRO E 14 25.95 33.40 37.47
N GLY E 15 25.01 33.24 36.54
CA GLY E 15 25.10 33.87 35.25
C GLY E 15 25.97 33.16 34.24
N GLY E 16 26.49 31.98 34.57
CA GLY E 16 27.34 31.23 33.68
C GLY E 16 26.55 30.41 32.68
N SER E 17 27.18 29.34 32.21
CA SER E 17 26.56 28.44 31.26
C SER E 17 27.21 27.07 31.36
N ARG E 18 26.39 26.03 31.25
CA ARG E 18 26.87 24.65 31.35
C ARG E 18 26.01 23.77 30.46
N LYS E 19 26.59 22.65 30.02
CA LYS E 19 25.93 21.71 29.14
C LYS E 19 25.85 20.35 29.82
N LEU E 20 24.66 19.74 29.77
CA LEU E 20 24.45 18.40 30.30
C LEU E 20 24.31 17.41 29.16
N SER E 21 24.98 16.27 29.30
CA SER E 21 25.00 15.23 28.27
C SER E 21 24.41 13.95 28.82
N CYS E 22 23.62 13.26 27.99
CA CYS E 22 22.98 12.00 28.33
C CYS E 22 23.40 10.96 27.31
N SER E 23 23.80 9.78 27.79
CA SER E 23 24.29 8.71 26.93
C SER E 23 23.45 7.46 27.14
N ALA E 24 22.82 6.98 26.07
CA ALA E 24 22.02 5.75 26.10
C ALA E 24 22.45 4.88 24.92
N SER E 25 23.46 4.04 25.15
CA SER E 25 24.01 3.20 24.10
C SER E 25 23.52 1.76 24.24
N GLY E 26 23.49 1.06 23.11
CA GLY E 26 23.11 -0.34 23.07
C GLY E 26 21.63 -0.59 22.86
N PHE E 27 20.78 0.43 23.02
CA PHE E 27 19.34 0.28 22.90
C PHE E 27 18.79 1.43 22.08
N ALA E 28 17.54 1.27 21.63
CA ALA E 28 16.95 2.23 20.71
C ALA E 28 16.92 3.63 21.32
N PHE E 29 17.30 4.62 20.51
CA PHE E 29 17.34 6.00 20.96
C PHE E 29 16.59 6.88 19.98
N SER E 30 16.58 6.50 18.70
CA SER E 30 15.91 7.30 17.69
C SER E 30 14.40 7.32 17.90
N SER E 31 13.81 6.18 18.27
CA SER E 31 12.37 6.09 18.43
C SER E 31 11.89 6.72 19.73
N PHE E 32 12.70 6.66 20.78
CA PHE E 32 12.31 7.20 22.08
C PHE E 32 12.40 8.71 22.10
N GLY E 33 11.40 9.34 22.72
CA GLY E 33 11.43 10.76 23.01
C GLY E 33 12.00 10.98 24.40
N MET E 34 12.85 11.99 24.52
CA MET E 34 13.65 12.18 25.72
C MET E 34 13.22 13.44 26.46
N HIS E 35 13.22 13.37 27.79
CA HIS E 35 12.85 14.47 28.66
C HIS E 35 13.98 14.78 29.63
N TRP E 36 13.95 15.99 30.18
CA TRP E 36 14.78 16.38 31.30
C TRP E 36 13.87 16.75 32.45
N VAL E 37 14.08 16.14 33.61
CA VAL E 37 13.29 16.40 34.81
C VAL E 37 14.25 16.68 35.94
N ARG E 38 14.13 17.86 36.54
CA ARG E 38 15.01 18.26 37.62
C ARG E 38 14.30 18.13 38.97
N GLN E 39 15.10 18.04 40.03
CA GLN E 39 14.58 17.86 41.38
C GLN E 39 15.47 18.65 42.33
N ALA E 40 14.98 19.81 42.77
CA ALA E 40 15.75 20.64 43.69
C ALA E 40 15.94 19.88 45.01
N PRO E 41 17.02 20.16 45.73
CA PRO E 41 17.27 19.45 47.00
C PRO E 41 16.11 19.62 47.97
N GLU E 42 15.64 18.49 48.50
CA GLU E 42 14.50 18.46 49.42
C GLU E 42 13.28 19.15 48.82
N LYS E 43 12.99 18.82 47.57
CA LYS E 43 11.85 19.38 46.86
C LYS E 43 11.37 18.40 45.81
N GLY E 44 10.13 18.60 45.36
CA GLY E 44 9.53 17.71 44.41
C GLY E 44 10.10 17.86 43.02
N LEU E 45 9.75 16.90 42.15
CA LEU E 45 10.27 16.88 40.79
C LEU E 45 9.66 18.01 39.97
N GLU E 46 10.36 18.36 38.90
CA GLU E 46 9.94 19.45 38.02
C GLU E 46 10.41 19.17 36.60
N TRP E 47 9.47 19.02 35.69
CA TRP E 47 9.80 18.82 34.28
C TRP E 47 10.51 20.05 33.73
N VAL E 48 11.49 19.82 32.86
CA VAL E 48 12.33 20.91 32.35
C VAL E 48 12.16 21.06 30.85
N ALA E 49 12.49 20.03 30.08
CA ALA E 49 12.43 20.13 28.63
C ALA E 49 12.17 18.76 28.03
N TYR E 50 11.68 18.77 26.79
CA TYR E 50 11.33 17.55 26.07
C TYR E 50 11.68 17.72 24.60
N ILE E 51 12.23 16.66 24.01
CA ILE E 51 12.51 16.60 22.58
C ILE E 51 11.93 15.30 22.04
N SER E 52 11.36 15.37 20.84
CA SER E 52 10.61 14.24 20.29
C SER E 52 11.55 13.29 19.57
N SER E 53 10.98 12.32 18.87
CA SER E 53 11.76 11.38 18.08
C SER E 53 12.06 11.99 16.71
N GLY E 54 13.34 12.01 16.35
CA GLY E 54 13.77 12.69 15.15
C GLY E 54 13.99 14.18 15.31
N SER E 55 13.97 14.69 16.53
CA SER E 55 14.23 16.10 16.84
C SER E 55 13.23 17.04 16.18
N GLY E 56 12.07 16.53 15.77
CA GLY E 56 11.09 17.33 15.08
C GLY E 56 10.12 18.09 15.94
N THR E 57 10.26 18.02 17.27
CA THR E 57 9.34 18.69 18.17
C THR E 57 10.04 18.89 19.51
N ILE E 58 10.12 20.14 19.97
CA ILE E 58 10.86 20.49 21.17
C ILE E 58 9.99 21.38 22.05
N TYR E 59 9.90 21.04 23.34
CA TYR E 59 9.22 21.87 24.33
C TYR E 59 10.19 22.29 25.43
N TYR E 60 9.80 23.32 26.16
CA TYR E 60 10.56 23.83 27.29
C TYR E 60 9.59 24.25 28.39
N ALA E 61 10.09 24.29 29.62
CA ALA E 61 9.28 24.75 30.73
C ALA E 61 9.18 26.27 30.71
N ASP E 62 8.18 26.78 31.44
CA ASP E 62 7.97 28.23 31.48
C ASP E 62 9.14 28.95 32.12
N THR E 63 9.73 28.36 33.16
CA THR E 63 10.83 28.99 33.89
C THR E 63 12.19 28.75 33.25
N VAL E 64 12.26 28.00 32.14
CA VAL E 64 13.50 27.77 31.43
C VAL E 64 13.42 28.16 29.96
N LYS E 65 12.28 28.64 29.50
CA LYS E 65 12.12 29.00 28.09
C LYS E 65 13.02 30.18 27.75
N GLY E 66 13.86 30.01 26.73
CA GLY E 66 14.79 31.04 26.31
C GLY E 66 16.18 30.91 26.87
N ARG E 67 16.34 30.27 28.03
CA ARG E 67 17.65 30.10 28.65
C ARG E 67 18.25 28.71 28.43
N PHE E 68 17.41 27.71 28.21
CA PHE E 68 17.86 26.34 27.99
C PHE E 68 17.60 25.93 26.55
N THR E 69 18.39 24.99 26.06
CA THR E 69 18.24 24.46 24.71
C THR E 69 18.58 22.98 24.74
N ILE E 70 17.59 22.13 24.50
CA ILE E 70 17.76 20.68 24.52
C ILE E 70 17.92 20.18 23.08
N SER E 71 18.96 19.40 22.84
CA SER E 71 19.23 18.83 21.53
C SER E 71 19.69 17.39 21.71
N ARG E 72 19.51 16.59 20.67
CA ARG E 72 19.89 15.20 20.69
C ARG E 72 20.70 14.87 19.43
N ASP E 73 21.61 13.91 19.59
CA ASP E 73 22.44 13.41 18.48
C ASP E 73 22.13 11.93 18.33
N ASP E 74 21.10 11.62 17.54
CA ASP E 74 20.68 10.23 17.37
C ASP E 74 21.77 9.32 16.83
N PRO E 75 22.59 9.71 15.84
CA PRO E 75 23.68 8.82 15.42
C PRO E 75 24.66 8.48 16.53
N LYS E 76 24.91 9.40 17.46
CA LYS E 76 25.77 9.15 18.60
C LYS E 76 25.00 8.73 19.85
N ASN E 77 23.67 8.75 19.80
CA ASN E 77 22.81 8.36 20.93
C ASN E 77 23.10 9.22 22.16
N THR E 78 23.10 10.54 21.96
CA THR E 78 23.36 11.48 23.04
C THR E 78 22.28 12.53 23.09
N LEU E 79 21.99 12.99 24.32
CA LEU E 79 21.01 14.03 24.57
C LEU E 79 21.69 15.18 25.30
N PHE E 80 21.44 16.41 24.85
CA PHE E 80 22.12 17.59 25.36
C PHE E 80 21.11 18.56 25.95
N LEU E 81 21.61 19.42 26.86
CA LEU E 81 20.82 20.51 27.42
C LEU E 81 21.76 21.71 27.58
N GLN E 82 21.78 22.58 26.58
CA GLN E 82 22.58 23.79 26.64
C GLN E 82 21.90 24.78 27.59
N MET E 83 22.52 25.02 28.74
CA MET E 83 21.98 25.91 29.74
C MET E 83 22.72 27.24 29.70
N THR E 84 21.98 28.33 29.55
CA THR E 84 22.55 29.67 29.48
C THR E 84 21.91 30.56 30.53
N SER E 85 22.74 31.40 31.15
CA SER E 85 22.30 32.34 32.20
C SER E 85 21.66 31.59 33.36
N LEU E 86 22.47 30.76 34.01
CA LEU E 86 21.97 29.95 35.12
C LEU E 86 21.79 30.82 36.37
N ARG E 87 20.61 30.74 36.97
CA ARG E 87 20.31 31.48 38.18
C ARG E 87 20.74 30.66 39.40
N SER E 88 20.49 31.21 40.59
CA SER E 88 20.78 30.49 41.82
C SER E 88 19.67 29.53 42.21
N GLU E 89 18.53 29.56 41.52
CA GLU E 89 17.44 28.63 41.76
C GLU E 89 17.47 27.44 40.80
N ASP E 90 18.48 27.34 39.95
CA ASP E 90 18.64 26.24 39.03
C ASP E 90 19.40 25.06 39.63
N THR E 91 19.79 25.15 40.90
CA THR E 91 20.51 24.07 41.57
C THR E 91 19.55 22.91 41.81
N ALA E 92 19.80 21.79 41.14
CA ALA E 92 18.91 20.64 41.22
C ALA E 92 19.60 19.44 40.59
N MET E 93 19.06 18.25 40.89
CA MET E 93 19.52 17.03 40.26
C MET E 93 18.71 16.81 38.99
N TYR E 94 19.40 16.76 37.85
CA TYR E 94 18.76 16.69 36.55
C TYR E 94 18.71 15.23 36.10
N TYR E 95 17.54 14.80 35.64
CA TYR E 95 17.31 13.41 35.28
C TYR E 95 17.06 13.28 33.79
N CYS E 96 17.53 12.17 33.22
CA CYS E 96 17.30 11.81 31.83
C CYS E 96 16.19 10.77 31.80
N VAL E 97 15.07 11.11 31.15
CA VAL E 97 13.88 10.27 31.13
C VAL E 97 13.53 9.94 29.68
N ARG E 98 13.34 8.67 29.39
CA ARG E 98 12.93 8.23 28.07
C ARG E 98 11.43 7.95 28.06
N SER E 99 10.81 8.18 26.90
CA SER E 99 9.37 7.97 26.75
C SER E 99 9.04 7.69 25.30
N ILE E 100 8.25 6.66 25.07
CA ILE E 100 7.85 6.23 23.74
C ILE E 100 6.33 6.32 23.64
N TYR E 101 5.84 6.88 22.53
CA TYR E 101 4.43 7.19 22.38
C TYR E 101 3.85 6.46 21.17
N TYR E 102 3.07 5.43 21.45
CA TYR E 102 2.17 4.81 20.49
C TYR E 102 1.00 4.23 21.28
N TYR E 103 0.06 3.60 20.58
CA TYR E 103 -1.13 3.08 21.25
C TYR E 103 -0.72 1.92 22.17
N GLY E 104 -0.87 2.13 23.48
CA GLY E 104 -0.59 1.10 24.45
C GLY E 104 0.81 1.10 25.01
N SER E 105 1.59 2.15 24.78
CA SER E 105 2.95 2.22 25.28
C SER E 105 2.95 2.68 26.73
N SER E 106 4.14 2.68 27.34
CA SER E 106 4.33 3.13 28.72
C SER E 106 5.42 4.18 28.74
N PRO E 107 5.06 5.45 28.54
CA PRO E 107 6.07 6.51 28.58
C PRO E 107 6.56 6.75 30.00
N PHE E 108 7.69 7.47 30.08
CA PHE E 108 8.39 7.72 31.34
C PHE E 108 8.78 6.41 32.01
N ASP E 109 9.14 5.42 31.19
CA ASP E 109 9.39 4.07 31.68
C ASP E 109 10.68 4.02 32.49
N PHE E 110 11.76 4.56 31.95
CA PHE E 110 13.09 4.43 32.55
C PHE E 110 13.66 5.82 32.85
N TRP E 111 14.20 5.98 34.05
CA TRP E 111 14.82 7.22 34.47
C TRP E 111 16.32 7.02 34.64
N GLY E 112 17.09 8.03 34.29
CA GLY E 112 18.53 7.98 34.44
C GLY E 112 18.94 8.08 35.90
N GLN E 113 20.25 7.96 36.12
CA GLN E 113 20.76 8.03 37.48
C GLN E 113 20.67 9.44 38.05
N GLY E 114 20.84 10.46 37.21
CA GLY E 114 20.72 11.83 37.65
C GLY E 114 22.05 12.45 38.00
N THR E 115 22.33 13.63 37.43
CA THR E 115 23.56 14.36 37.69
C THR E 115 23.25 15.65 38.45
N THR E 116 23.97 15.88 39.53
CA THR E 116 23.72 17.04 40.36
C THR E 116 24.33 18.29 39.72
N LEU E 117 23.88 19.45 40.20
CA LEU E 117 24.36 20.73 39.72
C LEU E 117 24.05 21.78 40.78
N THR E 118 25.07 22.40 41.34
CA THR E 118 24.89 23.47 42.30
C THR E 118 25.45 24.77 41.73
N VAL E 119 24.64 25.81 41.73
CA VAL E 119 25.06 27.15 41.34
C VAL E 119 25.30 27.93 42.61
N SER E 120 26.56 28.33 42.83
CA SER E 120 26.96 28.90 44.11
C SER E 120 26.27 30.23 44.36
N SER E 121 26.06 30.52 45.65
CA SER E 121 25.42 31.76 46.05
C SER E 121 26.15 32.37 47.25
N SER E 136 -3.64 28.31 34.55
CA SER E 136 -3.11 28.22 33.20
C SER E 136 -2.79 26.78 32.83
N ASP E 137 -2.11 26.08 33.74
CA ASP E 137 -1.75 24.67 33.54
C ASP E 137 -2.26 23.85 34.72
N ILE E 138 -2.59 22.59 34.43
CA ILE E 138 -3.20 21.72 35.43
C ILE E 138 -2.21 21.51 36.57
N VAL E 139 -2.64 21.84 37.79
CA VAL E 139 -1.82 21.67 38.99
C VAL E 139 -2.34 20.48 39.77
N MET E 140 -1.42 19.68 40.31
CA MET E 140 -1.77 18.56 41.15
C MET E 140 -1.69 18.97 42.62
N THR E 141 -2.11 18.06 43.50
CA THR E 141 -2.12 18.34 44.93
C THR E 141 -2.13 17.02 45.69
N GLN E 142 -1.18 16.85 46.61
CA GLN E 142 -1.13 15.70 47.48
C GLN E 142 -1.32 16.17 48.92
N ALA E 143 -2.27 15.54 49.62
CA ALA E 143 -2.68 16.03 50.93
C ALA E 143 -1.55 15.93 51.95
N THR E 144 -0.81 14.83 51.95
CA THR E 144 0.18 14.55 52.97
C THR E 144 1.54 14.30 52.34
N SER E 145 2.59 14.61 53.10
CA SER E 145 3.97 14.39 52.65
C SER E 145 4.75 13.48 53.59
N SER E 146 4.14 12.97 54.65
CA SER E 146 4.84 12.05 55.56
C SER E 146 3.78 11.27 56.33
N VAL E 147 3.70 9.96 56.06
CA VAL E 147 2.72 9.10 56.71
C VAL E 147 3.43 7.83 57.20
N PRO E 148 3.43 7.55 58.50
CA PRO E 148 4.04 6.30 58.98
C PRO E 148 3.05 5.14 59.02
N VAL E 149 3.41 4.02 58.40
CA VAL E 149 2.57 2.83 58.38
C VAL E 149 3.43 1.63 58.71
N THR E 150 2.93 0.77 59.59
CA THR E 150 3.63 -0.45 59.94
C THR E 150 3.65 -1.41 58.75
N PRO E 151 4.70 -2.22 58.62
CA PRO E 151 4.77 -3.16 57.50
C PRO E 151 3.64 -4.18 57.56
N GLY E 152 3.22 -4.63 56.37
CA GLY E 152 2.15 -5.60 56.25
C GLY E 152 0.76 -5.04 56.24
N GLU E 153 0.60 -3.72 56.26
CA GLU E 153 -0.71 -3.08 56.25
C GLU E 153 -0.89 -2.27 54.98
N SER E 154 -2.12 -2.25 54.48
CA SER E 154 -2.42 -1.48 53.27
C SER E 154 -2.42 0.01 53.55
N VAL E 155 -1.92 0.78 52.60
CA VAL E 155 -1.88 2.24 52.70
C VAL E 155 -2.32 2.82 51.36
N SER E 156 -3.10 3.91 51.43
CA SER E 156 -3.63 4.56 50.24
C SER E 156 -3.10 5.99 50.16
N ILE E 157 -2.63 6.37 48.97
CA ILE E 157 -2.11 7.71 48.71
C ILE E 157 -2.94 8.30 47.58
N SER E 158 -3.50 9.48 47.82
CA SER E 158 -4.40 10.12 46.86
C SER E 158 -3.86 11.48 46.46
N CYS E 159 -4.08 11.85 45.21
CA CYS E 159 -3.69 13.16 44.70
C CYS E 159 -4.77 13.68 43.77
N ARG E 160 -5.14 14.95 43.94
CA ARG E 160 -6.19 15.57 43.15
C ARG E 160 -5.56 16.27 41.94
N SER E 161 -6.36 17.07 41.24
CA SER E 161 -5.87 17.86 40.12
C SER E 161 -6.76 19.09 39.97
N SER E 162 -6.23 20.08 39.26
CA SER E 162 -6.99 21.31 39.03
C SER E 162 -8.19 21.05 38.12
N LYS E 163 -7.97 20.36 37.02
CA LYS E 163 -9.02 20.00 36.08
C LYS E 163 -9.00 18.51 35.85
N SER E 164 -10.14 17.98 35.40
CA SER E 164 -10.25 16.54 35.15
C SER E 164 -9.29 16.11 34.04
N LEU E 165 -8.64 14.96 34.26
CA LEU E 165 -7.64 14.44 33.33
C LEU E 165 -8.23 13.40 32.38
N LEU E 166 -9.55 13.20 32.39
CA LEU E 166 -10.19 12.22 31.55
C LEU E 166 -10.52 12.87 30.20
N HIS E 167 -10.07 12.24 29.13
CA HIS E 167 -10.16 12.80 27.79
C HIS E 167 -11.24 12.08 26.99
N SER E 168 -11.52 12.62 25.80
CA SER E 168 -12.46 11.97 24.88
C SER E 168 -11.97 10.61 24.44
N ASN E 169 -10.66 10.36 24.50
CA ASN E 169 -10.12 9.04 24.17
C ASN E 169 -10.66 7.98 25.13
N GLY E 170 -11.03 8.36 26.34
CA GLY E 170 -11.52 7.44 27.34
C GLY E 170 -10.52 7.09 28.42
N ASN E 171 -9.24 7.41 28.23
CA ASN E 171 -8.20 7.14 29.21
C ASN E 171 -7.76 8.45 29.86
N THR E 172 -7.62 8.44 31.18
CA THR E 172 -7.16 9.60 31.92
C THR E 172 -5.67 9.48 32.18
N TYR E 173 -4.94 10.55 31.87
CA TYR E 173 -3.47 10.53 31.91
C TYR E 173 -3.00 10.88 33.32
N LEU E 174 -2.64 9.85 34.08
CA LEU E 174 -2.07 10.04 35.41
C LEU E 174 -0.99 8.98 35.60
N TYR E 175 0.19 9.41 36.04
CA TYR E 175 1.32 8.51 36.22
C TYR E 175 1.76 8.55 37.67
N TRP E 176 2.25 7.41 38.16
CA TRP E 176 2.71 7.28 39.53
C TRP E 176 4.17 6.84 39.51
N PHE E 177 5.01 7.59 40.24
CA PHE E 177 6.42 7.30 40.35
C PHE E 177 6.79 7.14 41.82
N LEU E 178 7.72 6.23 42.09
CA LEU E 178 8.20 5.97 43.44
C LEU E 178 9.71 6.20 43.47
N GLN E 179 10.16 6.99 44.43
CA GLN E 179 11.58 7.31 44.59
C GLN E 179 12.08 6.65 45.88
N ARG E 180 12.85 5.58 45.73
CA ARG E 180 13.47 4.97 46.90
C ARG E 180 14.57 5.88 47.44
N PRO E 181 14.86 5.79 48.75
CA PRO E 181 15.92 6.63 49.32
C PRO E 181 17.24 6.52 48.58
N GLY E 182 17.71 7.63 48.03
CA GLY E 182 18.97 7.65 47.32
C GLY E 182 18.95 6.98 45.97
N GLN E 183 17.79 6.88 45.34
CA GLN E 183 17.65 6.22 44.06
C GLN E 183 16.80 7.09 43.13
N SER E 184 16.87 6.76 41.84
CA SER E 184 16.09 7.44 40.82
C SER E 184 14.62 7.01 40.89
N PRO E 185 13.69 7.91 40.55
CA PRO E 185 12.28 7.53 40.54
C PRO E 185 12.01 6.48 39.47
N GLN E 186 11.03 5.61 39.74
CA GLN E 186 10.66 4.55 38.83
C GLN E 186 9.15 4.56 38.62
N LEU E 187 8.74 4.25 37.39
CA LEU E 187 7.33 4.23 37.04
C LEU E 187 6.71 2.91 37.50
N LEU E 188 5.56 3.00 38.16
CA LEU E 188 4.83 1.80 38.55
C LEU E 188 3.40 1.76 38.01
N ILE E 189 2.81 2.90 37.65
CA ILE E 189 1.46 2.93 37.12
C ILE E 189 1.36 4.08 36.13
N TYR E 190 0.77 3.81 34.96
CA TYR E 190 0.54 4.83 33.95
C TYR E 190 -0.93 4.81 33.54
N ARG E 191 -1.47 6.00 33.28
CA ARG E 191 -2.88 6.20 32.94
C ARG E 191 -3.82 5.66 34.03
N MET E 192 -3.34 5.68 35.27
CA MET E 192 -4.10 5.44 36.50
C MET E 192 -4.44 3.97 36.69
N SER E 193 -4.23 3.16 35.68
CA SER E 193 -4.65 1.77 35.82
C SER E 193 -3.57 0.77 35.45
N ASN E 194 -2.79 1.04 34.42
CA ASN E 194 -1.89 0.04 33.87
C ASN E 194 -0.66 -0.10 34.77
N LEU E 195 -0.47 -1.30 35.31
CA LEU E 195 0.67 -1.58 36.17
C LEU E 195 1.91 -1.77 35.31
N ALA E 196 2.89 -0.88 35.48
CA ALA E 196 4.08 -0.91 34.65
C ALA E 196 4.85 -2.21 34.83
N SER E 197 5.44 -2.69 33.74
CA SER E 197 6.17 -3.94 33.77
C SER E 197 7.40 -3.84 34.66
N GLY E 198 7.64 -4.88 35.45
CA GLY E 198 8.78 -4.94 36.34
C GLY E 198 8.47 -4.65 37.80
N VAL E 199 7.23 -4.28 38.13
CA VAL E 199 6.86 -4.00 39.50
C VAL E 199 5.93 -5.11 39.99
N PRO E 200 5.89 -5.39 41.29
CA PRO E 200 5.03 -6.48 41.78
C PRO E 200 3.56 -6.15 41.63
N ASP E 201 2.73 -7.17 41.84
CA ASP E 201 1.29 -7.06 41.65
C ASP E 201 0.56 -6.52 42.88
N ARG E 202 1.27 -6.26 43.98
CA ARG E 202 0.62 -5.70 45.15
C ARG E 202 0.14 -4.27 44.92
N PHE E 203 0.72 -3.57 43.95
CA PHE E 203 0.31 -2.21 43.64
C PHE E 203 -0.94 -2.20 42.78
N SER E 204 -1.77 -1.18 42.98
CA SER E 204 -2.96 -0.98 42.17
C SER E 204 -3.32 0.51 42.21
N GLY E 205 -4.00 0.95 41.17
CA GLY E 205 -4.35 2.36 41.05
C GLY E 205 -5.75 2.54 40.54
N SER E 206 -6.35 3.67 40.90
CA SER E 206 -7.70 4.00 40.50
C SER E 206 -7.87 5.50 40.58
N GLY E 207 -8.90 6.01 39.91
CA GLY E 207 -9.18 7.43 39.93
C GLY E 207 -10.44 7.73 39.15
N SER E 208 -11.02 8.90 39.45
CA SER E 208 -12.27 9.33 38.85
C SER E 208 -12.15 10.79 38.41
N GLY E 209 -11.63 11.01 37.21
CA GLY E 209 -11.64 12.33 36.62
C GLY E 209 -10.63 13.29 37.23
N THR E 210 -10.86 13.66 38.49
CA THR E 210 -10.04 14.67 39.16
C THR E 210 -9.36 14.15 40.42
N ALA E 211 -10.05 13.36 41.23
CA ALA E 211 -9.46 12.80 42.45
C ALA E 211 -9.04 11.37 42.18
N PHE E 212 -7.76 11.09 42.31
CA PHE E 212 -7.18 9.77 42.07
C PHE E 212 -6.63 9.22 43.38
N THR E 213 -6.07 8.01 43.30
CA THR E 213 -5.49 7.37 44.47
C THR E 213 -4.56 6.25 44.02
N LEU E 214 -3.82 5.71 44.99
CA LEU E 214 -2.95 4.56 44.78
C LEU E 214 -3.01 3.68 46.02
N THR E 215 -3.13 2.37 45.81
CA THR E 215 -3.29 1.42 46.90
C THR E 215 -2.19 0.37 46.85
N ILE E 216 -1.63 0.05 48.00
CA ILE E 216 -0.62 -0.99 48.15
C ILE E 216 -1.22 -2.10 49.00
N SER E 217 -1.14 -3.35 48.51
CA SER E 217 -1.71 -4.48 49.24
C SER E 217 -1.01 -4.70 50.57
N ARG E 218 0.32 -4.62 50.57
CA ARG E 218 1.10 -4.77 51.79
C ARG E 218 2.46 -4.11 51.58
N LEU E 219 2.99 -3.50 52.63
CA LEU E 219 4.27 -2.82 52.54
C LEU E 219 5.42 -3.83 52.63
N GLU E 220 6.60 -3.36 52.29
CA GLU E 220 7.82 -4.17 52.31
C GLU E 220 8.98 -3.25 52.66
N ALA E 221 10.13 -3.85 52.99
CA ALA E 221 11.30 -3.05 53.37
C ALA E 221 11.73 -2.12 52.24
N GLU E 222 11.54 -2.55 50.99
CA GLU E 222 11.87 -1.72 49.83
C GLU E 222 10.68 -0.94 49.30
N ASP E 223 9.51 -1.05 49.93
CA ASP E 223 8.33 -0.33 49.48
C ASP E 223 8.22 1.07 50.06
N VAL E 224 9.09 1.43 51.00
CA VAL E 224 9.05 2.77 51.60
C VAL E 224 9.80 3.73 50.70
N GLY E 225 9.29 4.96 50.61
CA GLY E 225 9.92 5.96 49.77
C GLY E 225 8.99 7.13 49.56
N VAL E 226 9.25 7.88 48.49
CA VAL E 226 8.48 9.06 48.13
C VAL E 226 7.70 8.76 46.86
N TYR E 227 6.41 9.11 46.87
CA TYR E 227 5.52 8.85 45.75
C TYR E 227 5.10 10.16 45.11
N TYR E 228 5.23 10.24 43.78
CA TYR E 228 4.84 11.40 43.01
C TYR E 228 3.78 11.02 42.00
N CYS E 229 2.83 11.92 41.76
CA CYS E 229 1.80 11.73 40.75
C CYS E 229 1.88 12.87 39.74
N MET E 230 1.76 12.54 38.46
CA MET E 230 2.03 13.47 37.38
C MET E 230 0.93 13.40 36.33
N GLN E 231 0.61 14.55 35.74
CA GLN E 231 -0.34 14.63 34.65
C GLN E 231 0.38 14.70 33.31
N HIS E 232 -0.23 14.11 32.28
CA HIS E 232 0.33 14.12 30.95
C HIS E 232 -0.71 14.53 29.90
N LEU E 233 -1.78 15.19 30.32
CA LEU E 233 -2.82 15.63 29.38
C LEU E 233 -2.24 16.61 28.36
N GLU E 234 -1.49 17.60 28.83
CA GLU E 234 -0.85 18.57 27.95
C GLU E 234 0.32 19.21 28.67
N TYR E 235 1.29 19.68 27.89
CA TYR E 235 2.45 20.34 28.46
C TYR E 235 2.08 21.72 29.00
N PRO E 236 2.81 22.23 30.00
CA PRO E 236 3.95 21.61 30.69
C PRO E 236 3.49 20.53 31.66
N LEU E 237 4.20 19.42 31.74
CA LEU E 237 3.82 18.36 32.66
C LEU E 237 4.05 18.81 34.09
N THR E 238 3.04 18.64 34.94
CA THR E 238 3.09 19.09 36.31
C THR E 238 3.08 17.88 37.25
N PHE E 239 4.04 17.85 38.16
CA PHE E 239 4.15 16.77 39.13
C PHE E 239 3.36 17.15 40.38
N GLY E 240 3.54 16.37 41.45
CA GLY E 240 2.92 16.67 42.71
C GLY E 240 3.94 16.63 43.83
N ALA E 241 3.57 17.24 44.95
CA ALA E 241 4.44 17.21 46.13
C ALA E 241 4.62 15.78 46.60
N GLY E 242 5.85 15.43 46.97
CA GLY E 242 6.15 14.06 47.33
C GLY E 242 5.45 13.63 48.60
N THR E 243 5.12 12.34 48.66
CA THR E 243 4.52 11.72 49.82
C THR E 243 5.49 10.69 50.38
N LYS E 244 6.07 11.00 51.53
CA LYS E 244 7.06 10.12 52.16
C LYS E 244 6.36 9.07 53.01
N LEU E 245 6.81 7.83 52.90
CA LEU E 245 6.29 6.71 53.68
C LEU E 245 7.39 6.18 54.59
N GLU E 246 7.12 6.13 55.88
CA GLU E 246 8.06 5.65 56.87
C GLU E 246 7.54 4.37 57.51
N LEU E 247 8.36 3.34 57.55
CA LEU E 247 7.97 2.06 58.12
C LEU E 247 7.82 2.16 59.63
N NIO F . -8.51 38.82 -28.79
C1 NIO F . -7.84 37.74 -28.32
C2 NIO F . -6.79 37.91 -27.44
C3 NIO F . -6.42 39.14 -27.05
C4 NIO F . -7.08 40.23 -27.51
C5 NIO F . -8.14 40.07 -28.39
C6 NIO F . -6.04 36.69 -26.91
O1 NIO F . -5.39 36.77 -25.85
O2 NIO F . -6.07 35.61 -27.55
#